data_5NAN
#
_entry.id   5NAN
#
_cell.length_a   100.002
_cell.length_b   66.103
_cell.length_c   104.119
_cell.angle_alpha   90.000
_cell.angle_beta   90.130
_cell.angle_gamma   90.000
#
_symmetry.space_group_name_H-M   'P 1 2 1'
#
loop_
_entity.id
_entity.type
_entity.pdbx_description
1 polymer Interleukin-17A
2 polymer 'Interleukin-17 receptor A'
3 polymer Interleukin-17F
4 branched 2-acetamido-2-deoxy-beta-D-glucopyranose-(1-4)-[beta-D-galactopyranose-(1-6)]2-acetamido-2-deoxy-beta-D-glucopyranose
5 non-polymer 2-acetamido-2-deoxy-beta-D-glucopyranose
#
loop_
_entity_poly.entity_id
_entity_poly.type
_entity_poly.pdbx_seq_one_letter_code
_entity_poly.pdbx_strand_id
1 'polypeptide(L)'
;GITIPRNPGCPNSEDKNFPRTVMVNLNIHNRNTNTNPKRSSDYYNRSTSPWNLHRNEDPERYPSVIWEAKCRHLGCINAD
GNVDYHMNSVPIQQEILVLRREPPHCPNSFRLEKILVSVGCTCVTPIVHHVA
;
A,D
2 'polypeptide(L)'
;LRLLDHRALVCSQPGLNCTVKNSTCLDDSWIHPRNLTPSSPKDLQIQLHFAHTQQGDLFPVAHIEWTLQTDASILYLEGA
ELSVLQLNTNERLCVRFEFLSKLRHHHRRWRFTFSHFVVDPDQEYEVTVHHLPKPIPDGDPNHQSKNFLVPDCEHARMKV
TTPCMSSGSLWDPNITVETLEAHQLRVSFTLWNESTHYQILLTSFPHMENHSCFEHMHHIPAPRPEEFHQRSNVTLTLRN
LKGCCRHQVQIQPFFSSCLNDCLRHSATVSCPEMPDTPEPIPDYMPLWEFRHDSGGGLNDIFEAQKIEWHE
;
B,C
3 'polypeptide(L)'
;EFRHDSRKIPKVGHTFFQKPESCPPVPGGSMKLDIGIINENQRVSMSRNIESRSTSPWNYTVTWDPNRYPSEVVQAQCRN
LGCINAQGKEDISMNSVPIQQETLVVRRKHQGCSVSFQLEKVLVTVGCTCVTPVIHHVQ
;
E,F
#
loop_
_chem_comp.id
_chem_comp.type
_chem_comp.name
_chem_comp.formula
GAL D-saccharide, beta linking beta-D-galactopyranose 'C6 H12 O6'
NAG D-saccharide, beta linking 2-acetamido-2-deoxy-beta-D-glucopyranose 'C8 H15 N O6'
#
# COMPACT_ATOMS: atom_id res chain seq x y z
N THR A 21 13.45 -9.17 35.39
CA THR A 21 12.59 -8.67 36.48
C THR A 21 12.43 -7.14 36.40
N VAL A 22 11.20 -6.65 36.64
CA VAL A 22 10.91 -5.22 36.57
C VAL A 22 10.24 -4.67 37.80
N MET A 23 10.71 -3.50 38.25
CA MET A 23 10.08 -2.81 39.38
C MET A 23 8.88 -2.07 38.82
N VAL A 24 7.69 -2.34 39.41
CA VAL A 24 6.44 -1.72 38.96
C VAL A 24 5.78 -1.00 40.11
N ASN A 25 5.14 0.16 39.83
CA ASN A 25 4.47 0.93 40.87
C ASN A 25 3.24 0.18 41.29
N LEU A 26 3.07 0.05 42.63
CA LEU A 26 1.99 -0.64 43.34
C LEU A 26 0.57 -0.34 42.84
N ASN A 27 0.32 0.93 42.38
CA ASN A 27 -0.98 1.40 41.86
C ASN A 27 -1.31 0.82 40.47
N ILE A 28 -2.20 -0.20 40.49
CA ILE A 28 -2.73 -0.92 39.35
C ILE A 28 -3.77 0.00 38.70
N HIS A 29 -3.30 0.88 37.78
CA HIS A 29 -4.04 1.89 37.00
C HIS A 29 -5.30 1.28 36.36
N SER A 41 -22.91 -8.33 33.23
CA SER A 41 -23.66 -7.54 34.21
C SER A 41 -24.73 -8.37 34.92
N ASP A 42 -25.32 -9.37 34.20
CA ASP A 42 -26.32 -10.39 34.59
C ASP A 42 -26.70 -11.20 33.35
N TYR A 43 -25.79 -11.24 32.37
CA TYR A 43 -26.01 -11.93 31.10
C TYR A 43 -26.09 -13.43 31.30
N TYR A 44 -25.43 -13.97 32.32
CA TYR A 44 -25.45 -15.40 32.61
C TYR A 44 -26.86 -15.93 32.82
N ASN A 45 -27.73 -15.14 33.42
CA ASN A 45 -29.11 -15.56 33.60
C ASN A 45 -29.98 -15.14 32.42
N ARG A 46 -29.73 -13.94 31.83
CA ARG A 46 -30.46 -13.37 30.69
C ARG A 46 -30.26 -14.01 29.28
N SER A 47 -29.07 -14.61 29.01
CA SER A 47 -28.65 -15.16 27.71
C SER A 47 -29.30 -16.46 27.25
N THR A 48 -29.58 -16.54 25.93
CA THR A 48 -30.10 -17.72 25.19
C THR A 48 -29.24 -18.93 25.51
N SER A 49 -27.92 -18.74 25.55
CA SER A 49 -26.90 -19.70 25.95
C SER A 49 -26.49 -19.23 27.34
N PRO A 50 -27.14 -19.67 28.45
CA PRO A 50 -26.77 -19.16 29.78
C PRO A 50 -25.63 -19.92 30.45
N TRP A 51 -25.05 -19.35 31.50
CA TRP A 51 -23.97 -20.03 32.20
C TRP A 51 -24.02 -19.89 33.71
N ASN A 52 -23.21 -20.69 34.38
CA ASN A 52 -23.05 -20.71 35.83
C ASN A 52 -21.61 -20.36 36.13
N LEU A 53 -21.37 -19.49 37.11
CA LEU A 53 -20.01 -19.09 37.44
C LEU A 53 -19.43 -20.00 38.51
N HIS A 54 -18.19 -20.47 38.29
CA HIS A 54 -17.48 -21.34 39.22
C HIS A 54 -16.34 -20.64 39.91
N ARG A 55 -16.19 -20.91 41.21
CA ARG A 55 -15.23 -20.26 42.07
C ARG A 55 -13.80 -20.73 41.86
N ASN A 56 -13.00 -20.01 41.04
CA ASN A 56 -11.60 -20.36 40.91
C ASN A 56 -10.82 -19.48 41.88
N GLU A 57 -10.68 -19.98 43.11
CA GLU A 57 -10.01 -19.31 44.21
C GLU A 57 -8.54 -19.72 44.26
N ASP A 58 -7.66 -18.75 44.56
CA ASP A 58 -6.21 -18.93 44.74
C ASP A 58 -5.63 -17.88 45.71
N PRO A 59 -5.18 -18.30 46.93
CA PRO A 59 -4.63 -17.31 47.89
C PRO A 59 -3.34 -16.58 47.48
N GLU A 60 -2.51 -17.16 46.57
CA GLU A 60 -1.24 -16.56 46.12
C GLU A 60 -1.40 -15.71 44.88
N ARG A 61 -2.29 -16.12 44.01
CA ARG A 61 -2.55 -15.45 42.73
C ARG A 61 -3.42 -14.21 42.91
N TYR A 62 -3.19 -13.20 42.07
CA TYR A 62 -3.98 -11.99 41.98
C TYR A 62 -4.41 -11.81 40.52
N PRO A 63 -5.73 -11.70 40.24
CA PRO A 63 -6.87 -11.82 41.16
C PRO A 63 -6.88 -13.13 41.92
N SER A 64 -7.30 -13.09 43.19
CA SER A 64 -7.38 -14.30 44.00
C SER A 64 -8.50 -15.23 43.53
N VAL A 65 -9.73 -14.68 43.43
CA VAL A 65 -10.90 -15.39 42.94
C VAL A 65 -11.21 -14.88 41.52
N ILE A 66 -11.40 -15.83 40.58
CA ILE A 66 -11.72 -15.61 39.16
C ILE A 66 -12.96 -16.44 38.89
N TRP A 67 -13.98 -15.82 38.26
CA TRP A 67 -15.21 -16.59 38.03
C TRP A 67 -15.21 -17.21 36.62
N GLU A 68 -15.06 -18.53 36.59
CA GLU A 68 -15.03 -19.30 35.38
C GLU A 68 -16.41 -19.82 35.08
N ALA A 69 -17.00 -19.24 34.04
CA ALA A 69 -18.33 -19.49 33.52
C ALA A 69 -18.42 -20.82 32.77
N LYS A 70 -19.39 -21.63 33.15
CA LYS A 70 -19.60 -22.92 32.50
C LYS A 70 -21.03 -22.99 32.01
N CYS A 71 -21.23 -23.35 30.73
CA CYS A 71 -22.53 -23.47 30.08
C CYS A 71 -23.55 -24.27 30.88
N ARG A 72 -24.78 -23.81 30.91
CA ARG A 72 -25.83 -24.46 31.68
C ARG A 72 -26.42 -25.66 30.94
N HIS A 73 -26.62 -25.49 29.62
CA HIS A 73 -27.22 -26.49 28.74
C HIS A 73 -26.28 -26.92 27.62
N LEU A 74 -26.70 -27.93 26.83
CA LEU A 74 -25.98 -28.40 25.64
C LEU A 74 -26.50 -27.53 24.50
N GLY A 75 -27.79 -27.23 24.60
CA GLY A 75 -28.49 -26.41 23.65
C GLY A 75 -28.74 -25.02 24.18
N CYS A 76 -29.51 -24.28 23.42
CA CYS A 76 -29.86 -22.91 23.70
C CYS A 76 -31.35 -22.81 24.08
N ILE A 77 -31.70 -21.81 24.91
CA ILE A 77 -33.06 -21.50 25.35
C ILE A 77 -33.84 -20.73 24.26
N ASN A 78 -34.90 -21.37 23.78
CA ASN A 78 -35.76 -20.88 22.72
C ASN A 78 -36.83 -19.89 23.23
N ALA A 79 -37.52 -19.26 22.27
CA ALA A 79 -38.60 -18.28 22.41
C ALA A 79 -39.66 -18.57 23.53
N ASP A 80 -39.80 -19.84 23.96
CA ASP A 80 -40.76 -20.27 24.98
C ASP A 80 -40.14 -20.43 26.39
N GLY A 81 -38.85 -20.82 26.47
CA GLY A 81 -38.16 -21.05 27.74
C GLY A 81 -37.67 -22.48 27.95
N ASN A 82 -37.72 -23.28 26.87
CA ASN A 82 -37.27 -24.67 26.82
C ASN A 82 -35.97 -24.71 26.02
N VAL A 83 -35.27 -25.85 26.08
CA VAL A 83 -34.01 -26.04 25.39
C VAL A 83 -34.27 -26.48 23.95
N ASP A 84 -33.64 -25.75 23.01
CA ASP A 84 -33.70 -26.07 21.59
C ASP A 84 -32.40 -26.80 21.29
N TYR A 85 -32.53 -28.11 21.15
CA TYR A 85 -31.40 -28.99 20.96
C TYR A 85 -30.84 -28.96 19.53
N HIS A 86 -31.52 -28.23 18.63
CA HIS A 86 -31.08 -28.00 17.25
C HIS A 86 -30.06 -26.86 17.21
N MET A 87 -29.64 -26.42 18.42
CA MET A 87 -28.71 -25.32 18.65
C MET A 87 -27.62 -25.68 19.68
N ASN A 88 -26.41 -25.12 19.52
CA ASN A 88 -25.34 -25.43 20.46
C ASN A 88 -24.96 -24.28 21.36
N SER A 89 -24.75 -24.53 22.63
CA SER A 89 -24.25 -23.46 23.51
C SER A 89 -22.77 -23.72 23.81
N VAL A 90 -21.90 -22.96 23.15
CA VAL A 90 -20.45 -23.08 23.28
C VAL A 90 -19.87 -21.96 24.09
N PRO A 91 -18.78 -22.19 24.81
CA PRO A 91 -18.22 -21.11 25.62
C PRO A 91 -17.10 -20.33 24.95
N ILE A 92 -16.97 -19.06 25.33
CA ILE A 92 -15.91 -18.15 24.90
C ILE A 92 -14.76 -18.30 25.93
N GLN A 93 -13.52 -18.48 25.43
CA GLN A 93 -12.33 -18.68 26.25
C GLN A 93 -11.27 -17.64 26.00
N GLN A 94 -10.51 -17.29 27.04
CA GLN A 94 -9.49 -16.27 26.91
C GLN A 94 -8.25 -16.59 27.72
N GLU A 95 -7.13 -16.08 27.26
CA GLU A 95 -5.83 -16.08 27.90
C GLU A 95 -5.79 -14.78 28.68
N ILE A 96 -5.34 -14.85 29.92
CA ILE A 96 -5.27 -13.61 30.69
C ILE A 96 -3.94 -13.57 31.45
N LEU A 97 -3.52 -12.36 31.89
CA LEU A 97 -2.36 -12.13 32.73
C LEU A 97 -2.79 -11.96 34.18
N VAL A 98 -2.26 -12.83 35.04
CA VAL A 98 -2.46 -12.86 36.51
C VAL A 98 -1.08 -12.75 37.12
N LEU A 99 -0.97 -12.42 38.42
CA LEU A 99 0.36 -12.35 39.06
C LEU A 99 0.39 -13.29 40.24
N ARG A 100 1.36 -14.20 40.29
CA ARG A 100 1.46 -15.11 41.43
C ARG A 100 2.54 -14.60 42.38
N ARG A 101 2.36 -14.75 43.73
CA ARG A 101 3.37 -14.36 44.71
C ARG A 101 4.56 -15.32 44.54
N GLU A 102 5.74 -14.77 44.15
CA GLU A 102 6.95 -15.56 43.90
C GLU A 102 8.19 -14.91 44.58
N PRO A 103 8.74 -15.48 45.70
CA PRO A 103 8.36 -16.71 46.43
C PRO A 103 6.95 -16.72 46.98
N PRO A 104 6.33 -17.91 47.23
CA PRO A 104 4.92 -17.98 47.66
C PRO A 104 4.48 -17.20 48.91
N HIS A 105 5.44 -16.84 49.76
CA HIS A 105 5.24 -16.16 51.03
C HIS A 105 5.48 -14.64 51.01
N CYS A 106 6.56 -14.18 50.31
CA CYS A 106 7.03 -12.80 50.18
C CYS A 106 5.93 -11.75 49.94
N PRO A 107 6.17 -10.48 50.30
CA PRO A 107 5.10 -9.48 50.17
C PRO A 107 4.77 -8.99 48.76
N ASN A 108 5.71 -8.28 48.12
CA ASN A 108 5.48 -7.63 46.83
C ASN A 108 6.23 -8.28 45.68
N SER A 109 6.92 -9.40 45.93
CA SER A 109 7.63 -10.09 44.86
C SER A 109 6.68 -11.06 44.12
N PHE A 110 6.31 -10.68 42.86
CA PHE A 110 5.40 -11.47 42.03
C PHE A 110 6.05 -11.89 40.74
N ARG A 111 5.59 -13.02 40.19
CA ARG A 111 5.97 -13.55 38.87
C ARG A 111 4.68 -13.63 38.04
N LEU A 112 4.73 -13.11 36.81
CA LEU A 112 3.63 -13.02 35.87
C LEU A 112 3.13 -14.40 35.45
N GLU A 113 1.81 -14.59 35.36
CA GLU A 113 1.25 -15.88 34.98
C GLU A 113 0.21 -15.73 33.89
N LYS A 114 0.19 -16.68 32.95
CA LYS A 114 -0.74 -16.75 31.82
C LYS A 114 -1.70 -17.94 32.10
N ILE A 115 -3.04 -17.69 32.00
CA ILE A 115 -4.06 -18.74 32.25
C ILE A 115 -5.23 -18.68 31.27
N LEU A 116 -5.96 -19.81 31.13
CA LEU A 116 -7.14 -20.01 30.28
C LEU A 116 -8.40 -19.85 31.13
N VAL A 117 -9.31 -18.99 30.68
CA VAL A 117 -10.52 -18.70 31.42
C VAL A 117 -11.69 -18.83 30.48
N SER A 118 -12.74 -19.56 30.91
CA SER A 118 -14.01 -19.65 30.17
C SER A 118 -14.77 -18.41 30.65
N VAL A 119 -15.06 -17.45 29.75
CA VAL A 119 -15.66 -16.16 30.12
C VAL A 119 -17.18 -16.17 30.03
N GLY A 120 -17.73 -16.60 28.91
CA GLY A 120 -19.16 -16.70 28.74
C GLY A 120 -19.52 -17.79 27.76
N CYS A 121 -20.79 -17.91 27.42
CA CYS A 121 -21.26 -18.87 26.44
C CYS A 121 -21.99 -18.08 25.43
N THR A 122 -21.84 -18.45 24.16
CA THR A 122 -22.65 -17.88 23.09
C THR A 122 -23.44 -19.03 22.50
N CYS A 123 -24.42 -18.69 21.67
CA CYS A 123 -25.24 -19.69 21.04
C CYS A 123 -24.97 -19.68 19.54
N VAL A 124 -24.47 -20.80 18.98
CA VAL A 124 -24.13 -20.93 17.56
C VAL A 124 -25.13 -21.85 16.85
N THR A 125 -25.01 -21.92 15.53
CA THR A 125 -25.78 -22.82 14.66
C THR A 125 -24.90 -24.04 14.32
N PRO A 126 -25.31 -25.28 14.58
CA PRO A 126 -24.37 -26.38 14.36
C PRO A 126 -24.17 -26.76 12.91
N ILE A 127 -22.96 -27.21 12.56
CA ILE A 127 -22.66 -27.58 11.17
C ILE A 127 -23.20 -28.97 10.87
N VAL A 128 -24.31 -29.00 10.16
CA VAL A 128 -25.04 -30.21 9.81
C VAL A 128 -24.72 -30.58 8.36
N HIS A 129 -24.35 -31.86 8.12
CA HIS A 129 -24.05 -32.38 6.79
C HIS A 129 -25.17 -33.33 6.33
N HIS A 130 -25.83 -32.99 5.21
CA HIS A 130 -26.97 -33.72 4.66
C HIS A 130 -26.63 -34.83 3.67
N VAL A 131 -27.62 -35.64 3.30
CA VAL A 131 -27.48 -36.71 2.31
C VAL A 131 -28.53 -36.58 1.21
N LEU B 1 -1.92 -23.82 18.12
CA LEU B 1 -1.20 -23.03 19.13
C LEU B 1 -0.65 -23.95 20.30
N ARG B 2 0.34 -24.75 19.86
CA ARG B 2 1.24 -25.69 20.53
C ARG B 2 2.44 -25.78 19.61
N LEU B 3 3.64 -25.96 20.15
CA LEU B 3 4.84 -26.13 19.32
C LEU B 3 4.91 -27.61 18.86
N LEU B 4 5.69 -27.95 17.81
CA LEU B 4 5.69 -29.35 17.37
C LEU B 4 6.55 -30.28 18.23
N ASP B 5 7.88 -30.17 18.08
CA ASP B 5 8.85 -31.01 18.76
C ASP B 5 9.77 -30.19 19.62
N HIS B 6 9.95 -30.67 20.84
CA HIS B 6 10.91 -30.08 21.76
C HIS B 6 12.26 -30.66 21.37
N ARG B 7 12.37 -31.00 20.07
CA ARG B 7 13.57 -31.50 19.45
C ARG B 7 14.57 -30.36 19.46
N ALA B 8 15.77 -30.64 18.99
CA ALA B 8 16.85 -29.68 18.86
C ALA B 8 16.51 -28.84 17.62
N LEU B 9 15.50 -27.94 17.74
CA LEU B 9 15.05 -27.08 16.65
C LEU B 9 16.26 -26.28 16.19
N VAL B 10 16.50 -26.29 14.87
CA VAL B 10 17.67 -25.63 14.28
C VAL B 10 17.27 -24.53 13.32
N CYS B 11 17.98 -23.39 13.41
CA CYS B 11 17.87 -22.19 12.56
C CYS B 11 19.26 -21.89 11.98
N SER B 12 20.25 -22.71 12.39
CA SER B 12 21.65 -22.61 11.96
C SER B 12 21.72 -22.67 10.44
N GLN B 13 22.18 -21.57 9.82
CA GLN B 13 22.29 -21.37 8.36
C GLN B 13 23.76 -21.28 7.94
N PRO B 14 24.20 -21.65 6.69
CA PRO B 14 25.63 -21.49 6.36
C PRO B 14 26.01 -20.02 6.48
N GLY B 15 27.09 -19.77 7.21
CA GLY B 15 27.58 -18.42 7.48
C GLY B 15 26.87 -17.71 8.62
N LEU B 16 25.92 -18.42 9.26
CA LEU B 16 25.14 -17.94 10.39
C LEU B 16 25.02 -18.97 11.52
N ASN B 17 25.69 -18.69 12.64
CA ASN B 17 25.65 -19.53 13.82
C ASN B 17 24.38 -19.08 14.56
N CYS B 18 23.37 -19.95 14.57
CA CYS B 18 22.06 -19.68 15.11
C CYS B 18 21.56 -20.79 16.05
N THR B 19 20.77 -20.37 17.06
CA THR B 19 20.10 -21.25 18.01
C THR B 19 18.68 -20.72 18.29
N VAL B 20 17.74 -21.62 18.52
CA VAL B 20 16.35 -21.28 18.78
C VAL B 20 15.79 -22.06 19.94
N LYS B 21 14.78 -21.42 20.61
CA LYS B 21 13.84 -21.93 21.61
C LYS B 21 13.09 -20.74 22.34
N ASN B 22 12.09 -21.18 23.14
CA ASN B 22 11.04 -20.59 23.96
C ASN B 22 11.30 -19.20 24.43
N SER B 23 10.22 -18.44 24.30
CA SER B 23 10.13 -17.10 24.81
C SER B 23 8.73 -16.69 25.16
N THR B 24 8.68 -16.01 26.32
CA THR B 24 7.62 -15.20 26.90
C THR B 24 7.68 -14.10 25.86
N CYS B 25 6.56 -13.58 25.44
CA CYS B 25 6.64 -12.62 24.34
C CYS B 25 7.12 -11.20 24.73
N LEU B 26 7.76 -11.13 25.92
CA LEU B 26 8.38 -9.97 26.52
C LEU B 26 9.91 -10.15 26.54
N ASP B 27 10.58 -9.36 25.68
CA ASP B 27 12.03 -9.35 25.45
C ASP B 27 12.74 -8.29 26.24
N ASP B 28 14.02 -8.57 26.59
CA ASP B 28 14.90 -7.66 27.34
C ASP B 28 15.01 -6.31 26.66
N SER B 29 14.93 -6.32 25.31
CA SER B 29 15.00 -5.16 24.40
C SER B 29 13.80 -4.21 24.58
N TRP B 30 12.70 -4.70 25.21
CA TRP B 30 11.51 -3.91 25.46
C TRP B 30 11.63 -3.26 26.82
N ILE B 31 12.28 -3.94 27.76
CA ILE B 31 12.45 -3.45 29.12
C ILE B 31 13.68 -2.54 29.21
N HIS B 32 14.71 -2.88 28.42
CA HIS B 32 16.01 -2.20 28.32
C HIS B 32 16.27 -1.90 26.85
N PRO B 33 15.96 -0.67 26.40
CA PRO B 33 16.12 -0.37 24.99
C PRO B 33 17.56 -0.09 24.60
N ARG B 34 18.01 -0.79 23.55
CA ARG B 34 19.34 -0.62 22.93
C ARG B 34 19.17 0.46 21.80
N ASN B 35 20.14 1.43 21.72
CA ASN B 35 20.19 2.62 20.86
C ASN B 35 20.15 2.38 19.32
N LEU B 36 20.94 1.38 18.81
CA LEU B 36 21.05 1.09 17.37
C LEU B 36 20.30 -0.18 17.00
N THR B 37 19.02 0.01 16.59
CA THR B 37 18.08 -1.06 16.28
C THR B 37 18.14 -1.50 14.82
N PRO B 38 18.02 -2.81 14.50
CA PRO B 38 18.05 -3.20 13.09
C PRO B 38 16.67 -3.09 12.41
N SER B 39 16.69 -3.01 11.05
CA SER B 39 15.53 -2.85 10.17
C SER B 39 14.66 -4.08 10.06
N SER B 40 13.35 -3.81 9.90
CA SER B 40 12.23 -4.74 9.75
C SER B 40 12.47 -5.88 8.78
N PRO B 41 11.75 -7.03 8.96
CA PRO B 41 11.89 -8.15 8.01
C PRO B 41 11.20 -7.82 6.68
N LYS B 42 11.76 -8.31 5.59
CA LYS B 42 11.26 -8.03 4.26
C LYS B 42 10.56 -9.26 3.79
N ASP B 43 9.42 -9.09 3.13
CA ASP B 43 8.64 -10.16 2.50
C ASP B 43 8.33 -11.38 3.38
N LEU B 44 7.59 -11.15 4.49
CA LEU B 44 7.09 -12.18 5.39
C LEU B 44 5.98 -12.94 4.62
N GLN B 45 5.84 -14.25 4.84
CA GLN B 45 4.83 -15.05 4.17
C GLN B 45 4.57 -16.34 4.92
N ILE B 46 3.38 -16.43 5.48
CA ILE B 46 2.98 -17.65 6.16
C ILE B 46 2.10 -18.47 5.20
N GLN B 47 2.40 -19.76 5.10
CA GLN B 47 1.73 -20.71 4.23
C GLN B 47 1.51 -22.03 4.94
N LEU B 48 0.36 -22.65 4.67
CA LEU B 48 -0.01 -23.87 5.34
C LEU B 48 0.71 -25.08 4.84
N HIS B 49 1.27 -25.83 5.80
CA HIS B 49 1.92 -27.10 5.59
C HIS B 49 1.35 -28.17 6.51
N PHE B 50 1.85 -29.37 6.37
CA PHE B 50 1.43 -30.44 7.21
C PHE B 50 2.67 -31.11 7.76
N ALA B 51 2.55 -31.80 8.87
CA ALA B 51 3.70 -32.47 9.45
C ALA B 51 3.39 -33.90 9.87
N HIS B 52 4.37 -34.76 9.76
CA HIS B 52 4.18 -36.12 10.18
C HIS B 52 5.09 -36.38 11.37
N THR B 53 4.51 -36.88 12.51
CA THR B 53 5.27 -37.23 13.71
C THR B 53 5.80 -38.64 13.55
N GLN B 54 6.80 -38.98 14.34
CA GLN B 54 7.45 -40.29 14.38
C GLN B 54 6.42 -41.39 14.67
N GLN B 55 5.28 -41.00 15.31
CA GLN B 55 4.14 -41.83 15.71
C GLN B 55 3.13 -42.00 14.55
N GLY B 56 3.34 -41.24 13.48
CA GLY B 56 2.52 -41.32 12.28
C GLY B 56 1.21 -40.55 12.31
N ASP B 57 1.21 -39.33 12.89
CA ASP B 57 0.06 -38.42 12.94
C ASP B 57 0.33 -37.25 12.04
N LEU B 58 -0.68 -36.78 11.31
CA LEU B 58 -0.50 -35.65 10.40
C LEU B 58 -1.09 -34.34 10.96
N PHE B 59 -0.26 -33.26 11.04
CA PHE B 59 -0.69 -31.96 11.63
C PHE B 59 -0.51 -30.70 10.79
N PRO B 60 -1.47 -29.76 10.87
CA PRO B 60 -1.31 -28.50 10.13
C PRO B 60 -0.25 -27.64 10.83
N VAL B 61 0.74 -27.14 10.07
CA VAL B 61 1.80 -26.29 10.62
C VAL B 61 1.89 -24.97 9.89
N ALA B 62 2.04 -23.86 10.64
CA ALA B 62 2.21 -22.53 10.06
C ALA B 62 3.66 -22.41 9.59
N HIS B 63 3.82 -22.20 8.26
CA HIS B 63 5.11 -22.10 7.63
C HIS B 63 5.51 -20.66 7.40
N ILE B 64 6.23 -20.11 8.38
CA ILE B 64 6.74 -18.74 8.42
C ILE B 64 8.00 -18.58 7.56
N GLU B 65 7.95 -17.68 6.57
CA GLU B 65 9.05 -17.32 5.69
C GLU B 65 9.26 -15.82 5.75
N TRP B 66 10.52 -15.37 5.73
CA TRP B 66 10.90 -13.97 5.69
C TRP B 66 12.35 -13.84 5.21
N THR B 67 12.80 -12.60 4.93
CA THR B 67 14.16 -12.23 4.49
C THR B 67 14.53 -10.92 5.19
N LEU B 68 15.71 -10.42 4.95
CA LEU B 68 16.06 -9.18 5.59
C LEU B 68 16.33 -8.17 4.48
N GLN B 69 16.37 -6.88 4.84
CA GLN B 69 16.65 -5.79 3.88
C GLN B 69 18.18 -5.55 3.71
N THR B 70 18.59 -5.10 2.51
CA THR B 70 19.97 -4.81 2.10
C THR B 70 20.78 -3.87 3.02
N ASP B 71 20.13 -2.82 3.56
CA ASP B 71 20.74 -1.78 4.39
C ASP B 71 21.68 -2.28 5.46
N ALA B 72 22.57 -1.38 5.90
CA ALA B 72 23.65 -1.52 6.87
C ALA B 72 23.24 -1.86 8.30
N SER B 73 21.92 -1.86 8.61
CA SER B 73 21.40 -2.18 9.95
C SER B 73 21.65 -3.65 10.36
N ILE B 74 22.00 -4.48 9.37
CA ILE B 74 22.31 -5.90 9.45
C ILE B 74 23.27 -6.24 10.61
N LEU B 75 24.36 -5.47 10.77
CA LEU B 75 25.40 -5.69 11.80
C LEU B 75 24.82 -5.60 13.21
N TYR B 76 23.75 -4.80 13.35
CA TYR B 76 23.05 -4.58 14.61
C TYR B 76 21.86 -5.53 14.81
N LEU B 77 21.71 -6.58 13.94
CA LEU B 77 20.68 -7.63 14.09
C LEU B 77 21.19 -8.71 15.06
N GLU B 78 20.49 -8.94 16.17
CA GLU B 78 20.94 -9.91 17.18
C GLU B 78 20.12 -11.22 17.19
N GLY B 79 18.91 -11.13 16.68
CA GLY B 79 17.97 -12.24 16.62
C GLY B 79 16.64 -11.86 16.02
N ALA B 80 15.65 -12.75 16.23
CA ALA B 80 14.28 -12.61 15.77
C ALA B 80 13.27 -13.41 16.61
N GLU B 81 12.28 -12.73 17.17
CA GLU B 81 11.17 -13.31 17.91
C GLU B 81 9.97 -13.51 16.93
N LEU B 82 9.32 -14.66 17.00
CA LEU B 82 8.26 -15.07 16.11
C LEU B 82 7.01 -15.33 16.94
N SER B 83 6.01 -14.47 16.82
CA SER B 83 4.77 -14.67 17.58
C SER B 83 3.71 -15.31 16.69
N VAL B 84 2.82 -16.06 17.31
CA VAL B 84 1.65 -16.60 16.64
C VAL B 84 0.49 -16.24 17.57
N LEU B 85 -0.50 -15.54 17.04
CA LEU B 85 -1.59 -15.16 17.92
C LEU B 85 -2.92 -15.77 17.49
N GLN B 86 -3.60 -16.51 18.37
CA GLN B 86 -4.93 -17.13 18.10
C GLN B 86 -5.92 -16.00 18.36
N LEU B 87 -6.65 -15.56 17.35
CA LEU B 87 -7.48 -14.37 17.54
C LEU B 87 -8.62 -14.55 18.55
N ASN B 88 -9.39 -15.65 18.43
CA ASN B 88 -10.53 -16.02 19.29
C ASN B 88 -10.25 -16.00 20.83
N THR B 89 -9.05 -16.48 21.20
CA THR B 89 -8.61 -16.63 22.58
C THR B 89 -7.43 -15.76 23.03
N ASN B 90 -6.80 -14.93 22.15
CA ASN B 90 -5.66 -14.05 22.51
C ASN B 90 -4.42 -14.85 22.99
N GLU B 91 -4.43 -16.18 22.72
CA GLU B 91 -3.40 -17.15 23.05
C GLU B 91 -2.16 -16.85 22.18
N ARG B 92 -1.09 -16.36 22.82
CA ARG B 92 0.20 -16.01 22.19
C ARG B 92 1.18 -17.18 22.39
N LEU B 93 2.10 -17.38 21.40
CA LEU B 93 3.19 -18.34 21.47
C LEU B 93 4.38 -17.76 20.73
N CYS B 94 5.53 -17.71 21.40
CA CYS B 94 6.73 -17.10 20.84
C CYS B 94 7.92 -18.00 20.89
N VAL B 95 8.82 -17.84 19.89
CA VAL B 95 10.16 -18.45 19.82
C VAL B 95 11.15 -17.38 19.35
N ARG B 96 12.26 -17.22 20.07
CA ARG B 96 13.29 -16.27 19.67
C ARG B 96 14.44 -17.07 18.96
N PHE B 97 15.16 -16.44 18.03
CA PHE B 97 16.31 -17.01 17.34
C PHE B 97 17.46 -16.16 17.84
N GLU B 98 18.47 -16.79 18.47
CA GLU B 98 19.64 -16.10 18.99
C GLU B 98 20.82 -16.26 18.03
N PHE B 99 21.21 -15.14 17.38
CA PHE B 99 22.32 -15.11 16.45
C PHE B 99 23.59 -14.89 17.21
N LEU B 100 24.37 -15.98 17.30
CA LEU B 100 25.64 -16.06 18.00
C LEU B 100 26.73 -15.35 17.16
N SER B 101 26.76 -15.66 15.83
CA SER B 101 27.65 -15.05 14.83
C SER B 101 26.90 -13.95 14.10
N LYS B 102 27.36 -12.70 14.30
CA LYS B 102 26.77 -11.49 13.71
C LYS B 102 26.90 -11.48 12.19
N LEU B 103 25.84 -11.07 11.48
CA LEU B 103 25.84 -11.00 10.02
C LEU B 103 26.45 -9.68 9.61
N ARG B 104 27.42 -9.73 8.67
CA ARG B 104 28.12 -8.51 8.24
C ARG B 104 28.15 -8.30 6.73
N HIS B 105 27.82 -9.34 5.92
CA HIS B 105 27.79 -9.16 4.47
C HIS B 105 26.35 -9.11 3.95
N HIS B 106 26.18 -9.11 2.65
CA HIS B 106 24.89 -9.09 1.96
C HIS B 106 25.15 -9.62 0.54
N HIS B 107 26.34 -10.24 0.34
CA HIS B 107 26.78 -10.90 -0.90
C HIS B 107 25.62 -11.82 -1.33
N ARG B 108 25.23 -12.71 -0.41
CA ARG B 108 24.05 -13.56 -0.56
C ARG B 108 23.01 -13.08 0.44
N ARG B 109 21.80 -12.86 -0.08
CA ARG B 109 20.70 -12.43 0.75
C ARG B 109 20.30 -13.59 1.63
N TRP B 110 19.94 -13.29 2.88
CA TRP B 110 19.54 -14.31 3.83
C TRP B 110 18.06 -14.54 3.83
N ARG B 111 17.62 -15.81 3.70
CA ARG B 111 16.21 -16.20 3.75
C ARG B 111 15.95 -17.12 4.94
N PHE B 112 14.86 -16.84 5.70
CA PHE B 112 14.46 -17.50 6.95
C PHE B 112 13.10 -18.20 6.95
N THR B 113 13.04 -19.37 7.63
CA THR B 113 11.84 -20.21 7.75
C THR B 113 11.71 -20.92 9.09
N PHE B 114 10.47 -20.90 9.65
CA PHE B 114 10.06 -21.61 10.86
C PHE B 114 8.78 -22.33 10.55
N SER B 115 8.74 -23.61 10.84
CA SER B 115 7.60 -24.41 10.45
C SER B 115 7.18 -25.39 11.53
N HIS B 116 7.37 -24.99 12.82
CA HIS B 116 7.06 -25.80 13.99
C HIS B 116 5.86 -25.40 14.76
N PHE B 117 5.35 -24.23 14.46
CA PHE B 117 4.14 -23.80 15.11
C PHE B 117 3.03 -24.63 14.51
N VAL B 118 2.33 -25.40 15.33
CA VAL B 118 1.22 -26.22 14.90
C VAL B 118 -0.03 -25.36 15.04
N VAL B 119 -0.88 -25.39 14.02
CA VAL B 119 -2.11 -24.61 14.02
C VAL B 119 -3.31 -25.49 13.83
N ASP B 120 -4.44 -25.11 14.48
CA ASP B 120 -5.70 -25.86 14.50
C ASP B 120 -6.70 -25.51 13.34
N PRO B 121 -7.36 -26.57 12.77
CA PRO B 121 -8.27 -26.34 11.63
C PRO B 121 -9.47 -25.47 11.91
N ASP B 122 -9.71 -24.52 10.98
CA ASP B 122 -10.76 -23.50 10.96
C ASP B 122 -10.38 -22.50 12.05
N GLN B 123 -9.42 -21.60 11.75
CA GLN B 123 -8.93 -20.63 12.72
C GLN B 123 -8.28 -19.45 12.12
N GLU B 124 -7.96 -18.46 12.95
CA GLU B 124 -7.34 -17.19 12.52
C GLU B 124 -6.27 -16.80 13.49
N TYR B 125 -5.13 -16.36 12.90
CA TYR B 125 -3.91 -16.08 13.62
C TYR B 125 -3.12 -14.88 13.15
N GLU B 126 -2.71 -13.97 14.05
CA GLU B 126 -1.78 -12.92 13.59
C GLU B 126 -0.29 -13.32 13.95
N VAL B 127 0.42 -13.75 12.88
CA VAL B 127 1.79 -14.23 12.90
C VAL B 127 2.73 -13.06 12.64
N THR B 128 3.51 -12.72 13.66
CA THR B 128 4.43 -11.60 13.64
C THR B 128 5.86 -12.07 13.70
N VAL B 129 6.72 -11.40 12.93
CA VAL B 129 8.18 -11.56 12.97
C VAL B 129 8.78 -10.20 13.41
N HIS B 130 9.22 -10.21 14.66
CA HIS B 130 9.81 -9.08 15.34
C HIS B 130 11.32 -9.15 15.26
N HIS B 131 11.98 -8.15 14.68
CA HIS B 131 13.44 -8.23 14.64
C HIS B 131 13.96 -7.73 15.96
N LEU B 132 15.12 -8.27 16.39
CA LEU B 132 15.67 -7.99 17.71
C LEU B 132 17.11 -7.41 17.60
N PRO B 133 17.50 -6.33 18.37
CA PRO B 133 16.73 -5.57 19.38
C PRO B 133 15.47 -4.90 18.85
N LYS B 134 14.45 -4.82 19.69
CA LYS B 134 13.18 -4.16 19.37
C LYS B 134 13.45 -2.63 19.33
N PRO B 135 12.68 -1.83 18.53
CA PRO B 135 12.97 -0.38 18.47
C PRO B 135 12.70 0.37 19.75
N ILE B 136 13.60 1.33 20.01
CA ILE B 136 13.62 2.22 21.15
C ILE B 136 12.22 2.87 21.34
N PRO B 137 11.85 3.30 22.55
CA PRO B 137 10.58 4.03 22.71
C PRO B 137 10.36 5.03 21.58
N ASP B 138 9.17 5.00 20.97
CA ASP B 138 8.78 5.90 19.87
C ASP B 138 9.67 5.72 18.59
N GLY B 139 10.18 4.51 18.45
CA GLY B 139 10.98 4.06 17.30
C GLY B 139 10.06 3.49 16.23
N ASP B 140 10.60 3.30 15.02
CA ASP B 140 9.82 2.81 13.88
C ASP B 140 9.62 1.31 13.98
N PRO B 141 8.35 0.88 13.75
CA PRO B 141 7.95 -0.54 13.75
C PRO B 141 8.98 -1.71 13.95
N ASN B 142 9.91 -1.96 12.97
CA ASN B 142 10.95 -3.02 12.97
C ASN B 142 10.40 -4.50 12.93
N HIS B 143 9.10 -4.69 13.01
CA HIS B 143 8.56 -6.03 12.87
C HIS B 143 7.69 -6.07 11.60
N GLN B 144 7.14 -7.25 11.29
CA GLN B 144 6.18 -7.46 10.21
C GLN B 144 5.19 -8.47 10.73
N SER B 145 3.93 -8.38 10.31
CA SER B 145 2.87 -9.29 10.76
C SER B 145 2.03 -9.62 9.55
N LYS B 146 1.42 -10.80 9.55
CA LYS B 146 0.58 -11.22 8.45
C LYS B 146 -0.58 -12.01 9.02
N ASN B 147 -1.78 -11.78 8.51
CA ASN B 147 -2.89 -12.58 9.00
C ASN B 147 -2.89 -13.92 8.30
N PHE B 148 -2.83 -14.99 9.06
CA PHE B 148 -2.85 -16.35 8.53
C PHE B 148 -4.15 -17.06 8.94
N LEU B 149 -4.77 -17.68 7.97
CA LEU B 149 -6.02 -18.37 8.12
C LEU B 149 -5.93 -19.85 7.77
N VAL B 150 -6.31 -20.69 8.69
CA VAL B 150 -6.28 -22.13 8.49
C VAL B 150 -7.67 -22.59 8.02
N PRO B 151 -7.77 -23.54 7.09
CA PRO B 151 -9.11 -23.96 6.63
C PRO B 151 -9.83 -24.95 7.52
N ASP B 152 -11.11 -25.23 7.22
CA ASP B 152 -11.97 -26.20 7.91
C ASP B 152 -11.74 -27.62 7.38
N CYS B 153 -12.30 -28.63 8.10
CA CYS B 153 -12.13 -30.03 7.73
C CYS B 153 -12.81 -30.45 6.41
N GLU B 154 -13.39 -29.49 5.68
CA GLU B 154 -13.97 -29.73 4.37
C GLU B 154 -12.82 -29.67 3.34
N HIS B 155 -11.76 -28.92 3.69
CA HIS B 155 -10.57 -28.77 2.85
C HIS B 155 -9.97 -30.14 2.60
N ALA B 156 -9.64 -30.41 1.34
CA ALA B 156 -9.13 -31.69 0.88
C ALA B 156 -8.08 -32.36 1.79
N ARG B 157 -6.90 -31.71 1.91
CA ARG B 157 -5.78 -32.20 2.73
C ARG B 157 -6.00 -31.86 4.20
N MET B 158 -7.12 -31.27 4.50
CA MET B 158 -7.41 -31.02 5.89
C MET B 158 -8.07 -32.27 6.49
N LYS B 159 -9.13 -32.83 5.84
CA LYS B 159 -9.85 -33.94 6.46
C LYS B 159 -9.00 -35.21 6.58
N VAL B 160 -7.73 -35.19 6.18
CA VAL B 160 -6.90 -36.34 6.44
C VAL B 160 -5.87 -35.96 7.53
N THR B 161 -6.11 -34.86 8.22
CA THR B 161 -5.24 -34.41 9.29
C THR B 161 -5.76 -34.98 10.66
N THR B 162 -4.84 -35.33 11.56
CA THR B 162 -5.11 -35.92 12.88
C THR B 162 -6.16 -35.14 13.64
N PRO B 163 -6.02 -33.78 13.78
CA PRO B 163 -7.04 -33.02 14.50
C PRO B 163 -8.42 -33.14 13.86
N CYS B 164 -8.49 -33.12 12.52
CA CYS B 164 -9.76 -33.29 11.82
C CYS B 164 -10.34 -34.64 12.06
N MET B 165 -9.61 -35.70 11.70
CA MET B 165 -10.08 -37.05 11.90
C MET B 165 -10.58 -37.30 13.31
N SER B 166 -9.82 -36.86 14.35
CA SER B 166 -10.20 -37.01 15.76
C SER B 166 -11.56 -36.37 16.08
N SER B 167 -12.00 -35.35 15.29
CA SER B 167 -13.30 -34.68 15.39
C SER B 167 -14.25 -35.25 14.31
N GLY B 168 -14.04 -36.53 13.99
CA GLY B 168 -14.82 -37.35 13.05
C GLY B 168 -15.01 -36.86 11.63
N SER B 169 -13.94 -36.28 11.02
CA SER B 169 -13.94 -35.76 9.64
C SER B 169 -14.14 -36.91 8.62
N LEU B 170 -13.62 -38.12 8.95
CA LEU B 170 -13.76 -39.26 8.05
C LEU B 170 -14.84 -40.27 8.46
N TRP B 171 -15.63 -39.94 9.47
CA TRP B 171 -16.72 -40.79 9.92
C TRP B 171 -17.90 -40.75 8.95
N ASP B 172 -18.53 -41.94 8.72
CA ASP B 172 -19.75 -42.07 7.93
C ASP B 172 -20.76 -42.89 8.71
N PRO B 173 -21.89 -42.29 9.13
CA PRO B 173 -22.91 -43.06 9.85
C PRO B 173 -23.78 -43.92 8.95
N ASN B 174 -23.76 -43.70 7.60
CA ASN B 174 -24.56 -44.43 6.59
C ASN B 174 -26.04 -44.50 7.04
N ILE B 175 -26.45 -43.55 7.92
CA ILE B 175 -27.77 -43.38 8.57
C ILE B 175 -28.92 -43.83 7.69
N THR B 176 -29.75 -44.75 8.20
CA THR B 176 -30.89 -45.28 7.45
C THR B 176 -32.11 -45.39 8.34
N VAL B 177 -33.21 -44.83 7.86
CA VAL B 177 -34.48 -44.78 8.59
C VAL B 177 -35.57 -45.67 7.91
N GLU B 178 -35.56 -46.96 8.28
CA GLU B 178 -36.46 -47.99 7.79
C GLU B 178 -37.78 -47.92 8.60
N THR B 179 -38.93 -47.82 7.88
CA THR B 179 -40.27 -47.73 8.46
C THR B 179 -40.78 -49.09 8.93
N LEU B 180 -41.18 -49.14 10.21
CA LEU B 180 -41.73 -50.34 10.83
C LEU B 180 -43.25 -50.28 10.89
N GLU B 181 -43.86 -51.46 10.77
CA GLU B 181 -45.30 -51.77 10.70
C GLU B 181 -46.20 -51.01 11.72
N ALA B 182 -46.07 -51.28 13.05
CA ALA B 182 -46.89 -50.68 14.12
C ALA B 182 -46.66 -49.16 14.36
N HIS B 183 -46.54 -48.39 13.24
CA HIS B 183 -46.24 -46.96 13.14
C HIS B 183 -45.07 -46.60 14.07
N GLN B 184 -43.91 -47.15 13.70
CA GLN B 184 -42.61 -47.01 14.38
C GLN B 184 -41.51 -46.67 13.36
N LEU B 185 -40.26 -46.47 13.85
CA LEU B 185 -39.08 -46.18 13.03
C LEU B 185 -37.81 -46.76 13.65
N ARG B 186 -37.10 -47.59 12.88
CA ARG B 186 -35.82 -48.15 13.30
C ARG B 186 -34.81 -47.22 12.68
N VAL B 187 -33.87 -46.73 13.48
CA VAL B 187 -32.84 -45.82 13.00
C VAL B 187 -31.51 -46.52 13.10
N SER B 188 -30.92 -46.83 11.95
CA SER B 188 -29.63 -47.51 11.86
C SER B 188 -28.53 -46.52 11.49
N PHE B 189 -27.35 -46.65 12.14
CA PHE B 189 -26.18 -45.77 11.99
C PHE B 189 -24.90 -46.44 12.47
N THR B 190 -23.75 -46.12 11.85
CA THR B 190 -22.47 -46.67 12.28
C THR B 190 -21.89 -45.75 13.38
N LEU B 191 -21.11 -46.31 14.32
CA LEU B 191 -20.54 -45.54 15.43
C LEU B 191 -19.04 -45.25 15.28
N TRP B 192 -18.56 -44.18 15.95
CA TRP B 192 -17.14 -43.80 15.92
C TRP B 192 -16.38 -44.40 17.08
N ASN B 193 -15.06 -44.45 16.92
CA ASN B 193 -14.12 -45.06 17.85
C ASN B 193 -13.76 -44.18 19.06
N GLU B 194 -14.77 -43.50 19.57
CA GLU B 194 -14.64 -42.70 20.76
C GLU B 194 -15.81 -43.11 21.65
N SER B 195 -15.52 -43.26 22.96
CA SER B 195 -16.51 -43.61 23.98
C SER B 195 -17.21 -42.33 24.48
N THR B 196 -17.96 -41.66 23.58
CA THR B 196 -18.74 -40.44 23.84
C THR B 196 -20.17 -40.78 23.48
N HIS B 197 -21.14 -40.05 24.03
CA HIS B 197 -22.51 -40.34 23.66
C HIS B 197 -22.87 -39.67 22.33
N TYR B 198 -24.08 -39.93 21.87
CA TYR B 198 -24.62 -39.30 20.66
C TYR B 198 -26.08 -38.94 21.01
N GLN B 199 -26.75 -38.25 20.08
CA GLN B 199 -28.14 -37.79 20.21
C GLN B 199 -28.81 -37.90 18.82
N ILE B 200 -29.92 -38.65 18.74
CA ILE B 200 -30.70 -38.76 17.50
C ILE B 200 -31.76 -37.70 17.63
N LEU B 201 -31.98 -36.92 16.59
CA LEU B 201 -32.92 -35.83 16.66
C LEU B 201 -33.97 -35.92 15.55
N LEU B 202 -35.15 -36.47 15.90
CA LEU B 202 -36.26 -36.63 14.95
C LEU B 202 -37.14 -35.39 14.86
N THR B 203 -37.46 -35.00 13.63
CA THR B 203 -38.34 -33.89 13.34
C THR B 203 -39.23 -34.29 12.18
N SER B 204 -40.40 -34.82 12.49
CA SER B 204 -41.37 -35.21 11.46
C SER B 204 -42.11 -33.96 11.01
N PHE B 205 -42.47 -33.90 9.72
CA PHE B 205 -43.19 -32.78 9.11
C PHE B 205 -44.31 -33.33 8.23
N PRO B 206 -45.35 -32.54 7.87
CA PRO B 206 -46.35 -33.02 6.88
C PRO B 206 -45.71 -33.16 5.47
N HIS B 207 -46.48 -33.32 4.36
CA HIS B 207 -45.76 -33.49 3.10
C HIS B 207 -44.99 -32.23 2.58
N MET B 208 -45.50 -30.98 2.76
CA MET B 208 -44.68 -29.82 2.38
C MET B 208 -44.52 -28.80 3.52
N GLU B 209 -45.43 -28.78 4.52
CA GLU B 209 -45.28 -27.84 5.64
C GLU B 209 -43.93 -28.09 6.31
N ASN B 210 -43.09 -27.02 6.37
CA ASN B 210 -41.73 -27.08 6.92
C ASN B 210 -41.66 -26.77 8.43
N HIS B 211 -42.78 -27.02 9.13
CA HIS B 211 -42.95 -26.81 10.57
C HIS B 211 -43.28 -28.14 11.19
N SER B 212 -42.55 -28.47 12.25
CA SER B 212 -42.63 -29.74 12.95
C SER B 212 -44.01 -30.07 13.52
N CYS B 213 -44.56 -31.21 13.06
CA CYS B 213 -45.82 -31.77 13.57
C CYS B 213 -45.48 -32.64 14.78
N PHE B 214 -44.22 -33.15 14.82
CA PHE B 214 -43.67 -34.01 15.88
C PHE B 214 -42.14 -33.87 15.94
N GLU B 215 -41.65 -33.59 17.14
CA GLU B 215 -40.24 -33.47 17.39
C GLU B 215 -39.91 -34.37 18.56
N HIS B 216 -38.89 -35.22 18.38
CA HIS B 216 -38.40 -36.15 19.39
C HIS B 216 -36.87 -36.15 19.37
N MET B 217 -36.28 -36.45 20.51
CA MET B 217 -34.83 -36.51 20.70
C MET B 217 -34.55 -37.71 21.61
N HIS B 218 -33.50 -38.47 21.29
CA HIS B 218 -33.13 -39.71 21.98
C HIS B 218 -31.62 -39.75 22.19
N HIS B 219 -31.19 -40.21 23.37
CA HIS B 219 -29.78 -40.30 23.74
C HIS B 219 -29.22 -41.72 23.56
N ILE B 220 -28.13 -41.86 22.76
CA ILE B 220 -27.41 -43.13 22.61
C ILE B 220 -26.12 -43.00 23.39
N PRO B 221 -26.04 -43.73 24.52
CA PRO B 221 -24.88 -43.63 25.42
C PRO B 221 -23.58 -44.16 24.86
N ALA B 222 -22.46 -43.73 25.49
CA ALA B 222 -21.08 -44.06 25.15
C ALA B 222 -20.89 -45.54 24.84
N PRO B 223 -20.37 -45.86 23.66
CA PRO B 223 -20.12 -47.28 23.35
C PRO B 223 -18.82 -47.74 23.98
N ARG B 224 -18.70 -49.05 24.23
CA ARG B 224 -17.48 -49.62 24.78
C ARG B 224 -16.44 -49.74 23.63
N PRO B 225 -15.11 -49.92 23.89
CA PRO B 225 -14.17 -50.06 22.76
C PRO B 225 -14.44 -51.25 21.81
N GLU B 226 -15.33 -52.17 22.23
CA GLU B 226 -15.80 -53.33 21.45
C GLU B 226 -16.72 -52.82 20.34
N GLU B 227 -17.80 -52.09 20.75
CA GLU B 227 -18.85 -51.46 19.93
C GLU B 227 -18.33 -50.37 18.96
N PHE B 228 -17.02 -50.06 19.00
CA PHE B 228 -16.39 -49.08 18.12
C PHE B 228 -16.54 -49.61 16.69
N HIS B 229 -16.98 -48.74 15.78
CA HIS B 229 -17.18 -48.99 14.34
C HIS B 229 -18.31 -49.99 14.03
N GLN B 230 -18.95 -50.55 15.06
CA GLN B 230 -20.05 -51.49 14.85
C GLN B 230 -21.35 -50.73 14.82
N ARG B 231 -22.16 -51.01 13.79
CA ARG B 231 -23.43 -50.34 13.49
C ARG B 231 -24.54 -50.57 14.55
N SER B 232 -25.09 -49.46 15.08
CA SER B 232 -26.15 -49.44 16.09
C SER B 232 -27.53 -49.14 15.50
N ASN B 233 -28.59 -49.67 16.14
CA ASN B 233 -29.98 -49.44 15.71
C ASN B 233 -30.93 -49.29 16.89
N VAL B 234 -31.70 -48.19 16.85
CA VAL B 234 -32.67 -47.77 17.85
C VAL B 234 -34.10 -47.67 17.25
N THR B 235 -35.08 -48.36 17.85
CA THR B 235 -36.45 -48.32 17.34
C THR B 235 -37.28 -47.37 18.17
N LEU B 236 -37.86 -46.35 17.52
CA LEU B 236 -38.66 -45.30 18.14
C LEU B 236 -40.09 -45.31 17.64
N THR B 237 -41.07 -45.16 18.56
CA THR B 237 -42.48 -45.11 18.18
C THR B 237 -42.84 -43.68 17.76
N LEU B 238 -43.21 -43.53 16.48
CA LEU B 238 -43.60 -42.28 15.81
C LEU B 238 -44.92 -41.75 16.35
N ARG B 239 -45.23 -40.48 16.01
CA ARG B 239 -46.53 -39.87 16.33
C ARG B 239 -47.49 -40.45 15.27
N ASN B 240 -48.49 -41.26 15.70
CA ASN B 240 -49.46 -41.88 14.79
C ASN B 240 -50.43 -40.81 14.24
N LEU B 241 -49.93 -39.96 13.31
CA LEU B 241 -50.67 -38.85 12.71
C LEU B 241 -50.62 -38.90 11.19
N LYS B 242 -51.80 -38.67 10.56
CA LYS B 242 -52.02 -38.58 9.11
C LYS B 242 -51.34 -37.30 8.60
N GLY B 243 -50.62 -37.40 7.50
CA GLY B 243 -49.91 -36.27 6.91
C GLY B 243 -48.51 -36.13 7.47
N CYS B 244 -48.36 -36.35 8.80
CA CYS B 244 -47.11 -36.32 9.56
C CYS B 244 -46.34 -37.61 9.24
N CYS B 245 -45.63 -37.60 8.08
CA CYS B 245 -44.89 -38.73 7.52
C CYS B 245 -43.45 -38.39 7.12
N ARG B 246 -43.22 -37.21 6.52
CA ARG B 246 -41.91 -36.77 6.05
C ARG B 246 -40.97 -36.52 7.24
N HIS B 247 -40.08 -37.49 7.51
CA HIS B 247 -39.14 -37.48 8.64
C HIS B 247 -37.78 -36.91 8.36
N GLN B 248 -37.13 -36.44 9.43
CA GLN B 248 -35.80 -35.86 9.42
C GLN B 248 -35.09 -36.38 10.67
N VAL B 249 -34.05 -37.20 10.47
CA VAL B 249 -33.27 -37.80 11.55
C VAL B 249 -31.87 -37.18 11.54
N GLN B 250 -31.44 -36.64 12.68
CA GLN B 250 -30.16 -35.95 12.80
C GLN B 250 -29.35 -36.56 13.94
N ILE B 251 -28.30 -37.28 13.58
CA ILE B 251 -27.40 -37.87 14.57
C ILE B 251 -26.29 -36.86 14.94
N GLN B 252 -26.14 -36.55 16.23
CA GLN B 252 -25.12 -35.61 16.69
C GLN B 252 -24.03 -36.28 17.56
N PRO B 253 -22.74 -36.30 17.15
CA PRO B 253 -21.72 -36.85 18.04
C PRO B 253 -21.27 -35.87 19.12
N PHE B 254 -20.60 -36.38 20.15
CA PHE B 254 -20.09 -35.54 21.22
C PHE B 254 -18.62 -35.77 21.48
N PHE B 255 -17.82 -35.87 20.41
CA PHE B 255 -16.38 -36.13 20.47
C PHE B 255 -15.63 -35.08 21.28
N SER B 256 -14.65 -35.53 22.10
CA SER B 256 -13.85 -34.67 22.98
C SER B 256 -13.30 -33.47 22.26
N SER B 257 -12.87 -33.68 21.01
CA SER B 257 -12.31 -32.68 20.11
C SER B 257 -13.23 -31.47 19.87
N CYS B 258 -14.57 -31.66 19.89
CA CYS B 258 -15.52 -30.55 19.67
C CYS B 258 -16.44 -30.30 20.85
N LEU B 259 -16.70 -31.35 21.64
CA LEU B 259 -17.64 -31.44 22.74
C LEU B 259 -19.05 -31.37 22.15
N ASN B 260 -19.71 -30.16 22.05
CA ASN B 260 -21.05 -30.10 21.46
C ASN B 260 -21.02 -29.74 19.95
N ASP B 261 -20.20 -28.73 19.60
CA ASP B 261 -20.03 -28.12 18.28
C ASP B 261 -19.69 -29.05 17.08
N CYS B 262 -19.71 -30.35 17.30
CA CYS B 262 -19.44 -31.40 16.30
C CYS B 262 -20.33 -31.33 15.06
N LEU B 263 -19.89 -32.03 14.02
CA LEU B 263 -20.61 -32.10 12.76
C LEU B 263 -21.81 -33.01 12.90
N ARG B 264 -23.01 -32.49 12.68
CA ARG B 264 -24.18 -33.35 12.73
C ARG B 264 -24.43 -33.96 11.34
N HIS B 265 -25.14 -35.09 11.27
CA HIS B 265 -25.41 -35.79 10.02
C HIS B 265 -26.89 -35.97 9.85
N SER B 266 -27.42 -35.45 8.71
CA SER B 266 -28.85 -35.47 8.45
C SER B 266 -29.32 -36.44 7.37
N ALA B 267 -30.45 -37.11 7.66
CA ALA B 267 -31.20 -38.06 6.85
C ALA B 267 -32.63 -37.54 6.72
N THR B 268 -33.22 -37.66 5.52
CA THR B 268 -34.57 -37.16 5.24
C THR B 268 -35.42 -38.25 4.51
N VAL B 269 -36.40 -38.81 5.22
CA VAL B 269 -37.29 -39.88 4.70
C VAL B 269 -38.65 -39.31 4.24
N SER B 270 -39.09 -39.67 3.02
CA SER B 270 -40.34 -39.24 2.39
C SER B 270 -41.55 -40.11 2.75
N CYS B 271 -42.65 -40.03 1.95
CA CYS B 271 -43.90 -40.80 2.15
C CYS B 271 -44.26 -41.63 0.91
N LEU C 1 12.21 24.03 -14.91
CA LEU C 1 13.31 23.28 -14.29
C LEU C 1 14.60 24.09 -14.38
N ARG C 2 14.89 24.70 -13.23
CA ARG C 2 15.98 25.62 -12.93
C ARG C 2 15.96 25.81 -11.42
N LEU C 3 17.12 26.17 -10.84
CA LEU C 3 17.21 26.49 -9.40
C LEU C 3 16.98 27.99 -9.22
N LEU C 4 16.59 28.42 -8.01
CA LEU C 4 16.22 29.80 -7.71
C LEU C 4 17.37 30.81 -7.80
N ASP C 5 17.98 31.10 -6.66
CA ASP C 5 19.08 32.03 -6.55
C ASP C 5 20.29 31.22 -6.23
N HIS C 6 21.40 31.64 -6.81
CA HIS C 6 22.71 31.05 -6.63
C HIS C 6 23.24 31.50 -5.27
N ARG C 7 22.51 31.08 -4.22
CA ARG C 7 22.79 31.38 -2.82
C ARG C 7 23.70 30.30 -2.30
N ALA C 8 24.39 30.61 -1.18
CA ALA C 8 25.21 29.64 -0.46
C ALA C 8 24.17 28.76 0.26
N LEU C 9 23.44 27.92 -0.51
CA LEU C 9 22.37 27.08 0.01
C LEU C 9 22.93 26.22 1.10
N VAL C 10 22.26 26.26 2.28
CA VAL C 10 22.71 25.56 3.48
C VAL C 10 21.72 24.47 3.89
N CYS C 11 22.29 23.31 4.29
CA CYS C 11 21.60 22.10 4.78
C CYS C 11 22.10 21.79 6.19
N SER C 12 23.08 22.61 6.67
CA SER C 12 23.70 22.49 7.99
C SER C 12 22.60 22.57 9.06
N GLN C 13 22.43 21.46 9.79
CA GLN C 13 21.41 21.25 10.83
C GLN C 13 22.07 21.14 12.22
N PRO C 14 21.43 21.51 13.36
CA PRO C 14 22.12 21.33 14.66
C PRO C 14 22.45 19.84 14.84
N GLY C 15 23.71 19.59 15.17
CA GLY C 15 24.25 18.25 15.36
C GLY C 15 24.64 17.56 14.07
N LEU C 16 24.50 18.29 12.94
CA LEU C 16 24.82 17.80 11.60
C LEU C 16 25.59 18.84 10.76
N ASN C 17 26.88 18.55 10.51
CA ASN C 17 27.73 19.38 9.69
C ASN C 17 27.44 18.94 8.25
N CYS C 18 26.77 19.83 7.51
CA CYS C 18 26.31 19.58 6.15
C CYS C 18 26.67 20.69 5.18
N THR C 19 26.91 20.31 3.92
CA THR C 19 27.19 21.23 2.82
C THR C 19 26.42 20.76 1.57
N VAL C 20 25.76 21.69 0.86
CA VAL C 20 25.02 21.34 -0.36
C VAL C 20 26.00 21.40 -1.51
N LYS C 21 25.77 20.57 -2.53
CA LYS C 21 26.57 20.53 -3.76
C LYS C 21 25.65 20.31 -4.97
N ASN C 22 25.96 20.92 -6.12
CA ASN C 22 25.13 20.71 -7.31
C ASN C 22 25.62 19.38 -7.91
N SER C 23 24.77 18.68 -8.67
CA SER C 23 25.15 17.35 -9.14
C SER C 23 24.47 16.89 -10.41
N THR C 24 25.31 16.20 -11.20
CA THR C 24 25.05 15.38 -12.37
C THR C 24 24.34 14.28 -11.63
N CYS C 25 23.28 13.75 -12.17
CA CYS C 25 22.52 12.78 -11.38
C CYS C 25 23.14 11.35 -11.29
N LEU C 26 24.46 11.31 -11.61
CA LEU C 26 25.32 10.16 -11.59
C LEU C 26 26.38 10.33 -10.51
N ASP C 27 26.25 9.51 -9.45
CA ASP C 27 27.07 9.50 -8.25
C ASP C 27 28.15 8.44 -8.30
N ASP C 28 29.29 8.73 -7.64
CA ASP C 28 30.44 7.85 -7.53
C ASP C 28 30.05 6.50 -6.97
N SER C 29 28.99 6.47 -6.10
CA SER C 29 28.44 5.28 -5.42
C SER C 29 27.79 4.32 -6.40
N TRP C 30 27.40 4.84 -7.60
CA TRP C 30 26.79 4.04 -8.65
C TRP C 30 27.86 3.42 -9.52
N ILE C 31 28.97 4.12 -9.64
CA ILE C 31 30.11 3.75 -10.47
C ILE C 31 31.11 2.88 -9.67
N HIS C 32 31.23 3.16 -8.36
CA HIS C 32 32.03 2.48 -7.35
C HIS C 32 31.13 2.16 -6.18
N PRO C 33 30.59 0.94 -6.11
CA PRO C 33 29.63 0.63 -5.06
C PRO C 33 30.24 0.39 -3.70
N ARG C 34 29.61 0.99 -2.68
CA ARG C 34 30.02 0.87 -1.28
C ARG C 34 29.22 -0.29 -0.62
N ASN C 35 29.93 -1.19 0.13
CA ASN C 35 29.43 -2.42 0.76
C ASN C 35 28.26 -2.27 1.73
N LEU C 36 28.30 -1.33 2.71
CA LEU C 36 27.27 -1.13 3.75
C LEU C 36 26.43 0.12 3.49
N THR C 37 25.32 -0.08 2.77
CA THR C 37 24.45 1.00 2.27
C THR C 37 23.38 1.45 3.29
N PRO C 38 23.00 2.75 3.36
CA PRO C 38 21.99 3.15 4.34
C PRO C 38 20.55 2.91 3.85
N SER C 39 19.62 3.06 4.80
CA SER C 39 18.17 2.91 4.68
C SER C 39 17.53 4.03 3.87
N SER C 40 16.43 3.71 3.20
CA SER C 40 15.56 4.60 2.41
C SER C 40 14.99 5.76 3.24
N PRO C 41 14.60 6.87 2.61
CA PRO C 41 13.97 7.96 3.39
C PRO C 41 12.61 7.53 3.93
N LYS C 42 12.12 8.26 4.94
CA LYS C 42 10.82 7.98 5.52
C LYS C 42 9.99 9.21 5.31
N ASP C 43 8.72 9.03 4.92
CA ASP C 43 7.74 10.10 4.73
C ASP C 43 8.20 11.33 3.90
N LEU C 44 8.52 11.08 2.58
CA LEU C 44 8.85 12.13 1.61
C LEU C 44 7.54 12.87 1.32
N GLN C 45 7.60 14.19 1.08
CA GLN C 45 6.41 14.98 0.80
C GLN C 45 6.77 16.28 0.12
N ILE C 46 6.36 16.39 -1.15
CA ILE C 46 6.55 17.62 -1.90
C ILE C 46 5.25 18.41 -1.87
N GLN C 47 5.36 19.70 -1.57
CA GLN C 47 4.25 20.64 -1.47
C GLN C 47 4.60 21.98 -2.10
N LEU C 48 3.61 22.59 -2.75
CA LEU C 48 3.83 23.82 -3.49
C LEU C 48 3.96 25.03 -2.63
N HIS C 49 5.02 25.78 -2.89
CA HIS C 49 5.32 27.06 -2.28
C HIS C 49 5.60 28.13 -3.33
N PHE C 50 5.85 29.34 -2.90
CA PHE C 50 6.19 30.41 -3.81
C PHE C 50 7.42 31.08 -3.29
N ALA C 51 8.21 31.72 -4.17
CA ALA C 51 9.47 32.31 -3.76
C ALA C 51 9.71 33.67 -4.32
N HIS C 52 10.49 34.46 -3.61
CA HIS C 52 10.79 35.81 -4.05
C HIS C 52 12.28 35.97 -4.33
N THR C 53 12.64 36.45 -5.55
CA THR C 53 14.03 36.68 -5.95
C THR C 53 14.43 38.05 -5.51
N GLN C 54 15.75 38.32 -5.47
CA GLN C 54 16.33 39.61 -5.08
C GLN C 54 15.81 40.74 -5.98
N GLN C 55 15.38 40.37 -7.20
CA GLN C 55 14.83 41.23 -8.26
C GLN C 55 13.32 41.50 -8.04
N GLY C 56 12.71 40.78 -7.10
CA GLY C 56 11.30 40.93 -6.74
C GLY C 56 10.30 40.22 -7.64
N ASP C 57 10.63 39.00 -8.08
CA ASP C 57 9.74 38.16 -8.89
C ASP C 57 9.27 36.99 -8.04
N LEU C 58 7.99 36.57 -8.18
CA LEU C 58 7.40 35.46 -7.40
C LEU C 58 7.32 34.16 -8.21
N PHE C 59 7.95 33.06 -7.72
CA PHE C 59 7.99 31.78 -8.43
C PHE C 59 7.45 30.56 -7.70
N PRO C 60 6.80 29.62 -8.42
CA PRO C 60 6.37 28.37 -7.77
C PRO C 60 7.61 27.52 -7.47
N VAL C 61 7.77 27.05 -6.20
CA VAL C 61 8.91 26.22 -5.80
C VAL C 61 8.46 24.90 -5.21
N ALA C 62 9.13 23.80 -5.61
CA ALA C 62 8.83 22.47 -5.09
C ALA C 62 9.48 22.38 -3.70
N HIS C 63 8.63 22.16 -2.69
CA HIS C 63 9.05 22.07 -1.31
C HIS C 63 9.17 20.64 -0.86
N ILE C 64 10.39 20.11 -1.00
CA ILE C 64 10.77 18.75 -0.65
C ILE C 64 11.01 18.57 0.87
N GLU C 65 10.24 17.65 1.49
CA GLU C 65 10.35 17.28 2.89
C GLU C 65 10.55 15.77 3.01
N TRP C 66 11.39 15.33 3.94
CA TRP C 66 11.62 13.93 4.23
C TRP C 66 12.25 13.80 5.61
N THR C 67 12.35 12.56 6.13
CA THR C 67 12.96 12.19 7.42
C THR C 67 13.74 10.90 7.24
N LEU C 68 14.40 10.47 8.30
CA LEU C 68 15.16 9.24 8.26
C LEU C 68 14.41 8.16 9.03
N GLN C 69 14.77 6.88 8.81
CA GLN C 69 14.20 5.79 9.61
C GLN C 69 15.08 5.56 10.86
N THR C 70 14.46 5.15 11.97
CA THR C 70 15.04 4.84 13.28
C THR C 70 16.28 3.91 13.26
N ASP C 71 16.28 2.87 12.40
CA ASP C 71 17.31 1.84 12.34
C ASP C 71 18.74 2.35 12.30
N ALA C 72 19.65 1.45 12.73
CA ALA C 72 21.10 1.56 12.88
C ALA C 72 21.90 1.78 11.59
N SER C 73 21.26 1.75 10.40
CA SER C 73 21.94 1.98 9.13
C SER C 73 22.39 3.47 8.95
N ILE C 74 21.88 4.36 9.84
CA ILE C 74 22.15 5.81 9.93
C ILE C 74 23.67 6.15 10.00
N LEU C 75 24.49 5.32 10.69
CA LEU C 75 25.94 5.55 10.78
C LEU C 75 26.58 5.47 9.41
N TYR C 76 25.98 4.67 8.51
CA TYR C 76 26.45 4.46 7.16
C TYR C 76 25.82 5.42 6.16
N LEU C 77 25.13 6.45 6.71
CA LEU C 77 24.56 7.54 5.93
C LEU C 77 25.59 8.66 5.80
N GLU C 78 26.03 8.82 4.53
CA GLU C 78 27.00 9.79 4.01
C GLU C 78 26.32 11.02 3.41
N GLY C 79 25.18 10.83 2.78
CA GLY C 79 24.47 11.94 2.15
C GLY C 79 23.11 11.64 1.54
N ALA C 80 22.66 12.61 0.69
CA ALA C 80 21.40 12.58 -0.06
C ALA C 80 21.44 13.41 -1.36
N GLU C 81 20.95 12.81 -2.47
CA GLU C 81 20.75 13.42 -3.79
C GLU C 81 19.22 13.62 -3.95
N LEU C 82 18.83 14.75 -4.54
CA LEU C 82 17.44 15.14 -4.71
C LEU C 82 17.22 15.42 -6.17
N SER C 83 16.45 14.56 -6.85
CA SER C 83 16.17 14.77 -8.29
C SER C 83 14.80 15.40 -8.49
N VAL C 84 14.66 16.16 -9.56
CA VAL C 84 13.38 16.70 -9.97
C VAL C 84 13.27 16.36 -11.41
N LEU C 85 12.20 15.66 -11.80
CA LEU C 85 12.12 15.27 -13.21
C LEU C 85 10.91 15.88 -13.90
N GLN C 86 11.14 16.64 -15.02
CA GLN C 86 10.06 17.27 -15.80
C GLN C 86 9.59 16.17 -16.73
N LEU C 87 8.34 15.71 -16.60
CA LEU C 87 7.93 14.54 -17.37
C LEU C 87 7.91 14.76 -18.89
N ASN C 88 7.35 15.86 -19.36
CA ASN C 88 7.24 16.28 -20.80
C ASN C 88 8.54 16.31 -21.59
N THR C 89 9.62 16.75 -20.93
CA THR C 89 10.94 16.92 -21.51
C THR C 89 12.06 16.02 -20.97
N ASN C 90 11.82 15.17 -19.94
CA ASN C 90 12.84 14.26 -19.35
C ASN C 90 14.03 15.01 -18.71
N GLU C 91 13.84 16.33 -18.52
CA GLU C 91 14.78 17.28 -17.96
C GLU C 91 14.95 16.94 -16.45
N ARG C 92 16.15 16.46 -16.10
CA ARG C 92 16.54 16.11 -14.73
C ARG C 92 17.38 17.27 -14.14
N LEU C 93 17.25 17.48 -12.81
CA LEU C 93 18.03 18.44 -12.04
C LEU C 93 18.26 17.86 -10.66
N CYS C 94 19.53 17.83 -10.24
CA CYS C 94 19.93 17.22 -8.98
C CYS C 94 20.76 18.13 -8.12
N VAL C 95 20.61 17.98 -6.80
CA VAL C 95 21.44 18.59 -5.76
C VAL C 95 21.77 17.53 -4.69
N ARG C 96 23.04 17.45 -4.34
CA ARG C 96 23.59 16.52 -3.37
C ARG C 96 23.85 17.23 -2.00
N PHE C 97 23.84 16.46 -0.90
CA PHE C 97 24.08 16.94 0.46
C PHE C 97 25.26 16.15 0.94
N GLU C 98 26.41 16.80 1.16
CA GLU C 98 27.58 16.10 1.67
C GLU C 98 27.61 16.21 3.20
N PHE C 99 27.31 15.10 3.87
CA PHE C 99 27.37 15.07 5.31
C PHE C 99 28.82 14.90 5.60
N LEU C 100 29.27 15.75 6.49
CA LEU C 100 30.65 15.85 6.90
C LEU C 100 30.79 15.13 8.26
N SER C 101 29.90 15.48 9.21
CA SER C 101 29.77 14.87 10.53
C SER C 101 28.70 13.79 10.45
N LYS C 102 29.14 12.54 10.64
CA LYS C 102 28.28 11.35 10.57
C LYS C 102 27.23 11.34 11.66
N LEU C 103 25.99 10.92 11.33
CA LEU C 103 24.90 10.85 12.28
C LEU C 103 24.99 9.52 13.01
N ARG C 104 24.94 9.56 14.35
CA ARG C 104 25.10 8.34 15.16
C ARG C 104 23.96 8.10 16.16
N HIS C 105 23.13 9.11 16.44
CA HIS C 105 22.00 8.95 17.35
C HIS C 105 20.68 8.99 16.60
N HIS C 106 19.57 9.08 17.36
CA HIS C 106 18.22 9.24 16.82
C HIS C 106 17.37 10.00 17.81
N HIS C 107 17.94 10.24 19.01
CA HIS C 107 17.36 10.94 20.17
C HIS C 107 16.37 12.01 19.70
N ARG C 108 16.81 12.87 18.77
CA ARG C 108 15.99 13.91 18.14
C ARG C 108 15.89 13.53 16.68
N ARG C 109 14.66 13.20 16.17
CA ARG C 109 14.46 12.75 14.80
C ARG C 109 14.90 13.77 13.81
N TRP C 110 15.58 13.28 12.76
CA TRP C 110 16.14 14.08 11.70
C TRP C 110 15.15 14.43 10.59
N ARG C 111 14.81 15.72 10.51
CA ARG C 111 13.89 16.33 9.56
C ARG C 111 14.68 17.03 8.42
N PHE C 112 14.31 16.78 7.15
CA PHE C 112 14.98 17.44 6.00
C PHE C 112 14.04 18.16 5.00
N THR C 113 14.48 19.35 4.53
CA THR C 113 13.74 20.20 3.57
C THR C 113 14.62 20.92 2.58
N PHE C 114 14.17 20.94 1.28
CA PHE C 114 14.78 21.67 0.16
C PHE C 114 13.67 22.37 -0.58
N SER C 115 13.84 23.66 -0.80
CA SER C 115 12.77 24.43 -1.38
C SER C 115 13.24 25.43 -2.42
N HIS C 116 14.32 25.08 -3.17
CA HIS C 116 14.93 26.00 -4.15
C HIS C 116 14.74 25.51 -5.56
N PHE C 117 14.19 24.31 -5.74
CA PHE C 117 13.88 23.86 -7.08
C PHE C 117 12.64 24.63 -7.51
N VAL C 118 12.70 25.29 -8.67
CA VAL C 118 11.62 26.11 -9.19
C VAL C 118 10.80 25.34 -10.19
N VAL C 119 9.46 25.44 -10.12
CA VAL C 119 8.54 24.71 -10.98
C VAL C 119 7.72 25.62 -11.88
N ASP C 120 7.06 25.01 -12.85
CA ASP C 120 6.26 25.76 -13.81
C ASP C 120 4.77 25.45 -13.71
N PRO C 121 3.90 26.47 -13.92
CA PRO C 121 2.44 26.20 -13.92
C PRO C 121 2.05 25.13 -14.93
N ASP C 122 1.04 24.32 -14.57
CA ASP C 122 0.49 23.21 -15.35
C ASP C 122 1.59 22.25 -15.73
N GLN C 123 2.29 21.63 -14.75
CA GLN C 123 3.42 20.71 -15.00
C GLN C 123 3.51 19.51 -14.06
N GLU C 124 3.88 18.32 -14.59
CA GLU C 124 4.02 17.10 -13.75
C GLU C 124 5.53 16.83 -13.64
N TYR C 125 5.96 16.35 -12.44
CA TYR C 125 7.35 16.11 -12.05
C TYR C 125 7.55 14.90 -11.14
N GLU C 126 8.52 14.02 -11.44
CA GLU C 126 8.82 12.97 -10.45
C GLU C 126 10.07 13.39 -9.60
N VAL C 127 9.76 13.79 -8.36
CA VAL C 127 10.71 14.27 -7.35
C VAL C 127 11.18 13.11 -6.50
N THR C 128 12.46 12.79 -6.62
CA THR C 128 13.08 11.67 -5.95
C THR C 128 14.10 12.14 -4.93
N VAL C 129 14.21 11.41 -3.82
CA VAL C 129 15.24 11.58 -2.79
C VAL C 129 15.95 10.20 -2.66
N HIS C 130 17.18 10.20 -3.18
CA HIS C 130 18.05 9.04 -3.22
C HIS C 130 19.09 9.16 -2.11
N HIS C 131 19.12 8.18 -1.16
CA HIS C 131 20.10 8.14 -0.06
C HIS C 131 21.42 7.58 -0.52
N LEU C 132 22.50 8.14 0.03
CA LEU C 132 23.85 7.80 -0.38
C LEU C 132 24.72 7.28 0.78
N PRO C 133 25.60 6.27 0.54
CA PRO C 133 25.87 5.56 -0.73
C PRO C 133 24.65 4.88 -1.31
N LYS C 134 24.55 4.85 -2.64
CA LYS C 134 23.43 4.20 -3.33
C LYS C 134 23.61 2.67 -3.16
N PRO C 135 22.55 1.83 -3.24
CA PRO C 135 22.73 0.39 -2.99
C PRO C 135 23.55 -0.32 -4.06
N ILE C 136 24.36 -1.26 -3.58
CA ILE C 136 25.23 -2.12 -4.38
C ILE C 136 24.46 -2.75 -5.52
N PRO C 137 25.12 -3.15 -6.62
CA PRO C 137 24.42 -3.89 -7.67
C PRO C 137 23.41 -4.89 -7.09
N ASP C 138 22.17 -4.83 -7.61
CA ASP C 138 21.04 -5.68 -7.22
C ASP C 138 20.66 -5.58 -5.71
N GLY C 139 20.89 -4.40 -5.13
CA GLY C 139 20.52 -4.10 -3.76
C GLY C 139 19.06 -3.72 -3.63
N ASP C 140 18.65 -3.27 -2.45
CA ASP C 140 17.27 -2.86 -2.27
C ASP C 140 17.19 -1.35 -2.46
N PRO C 141 16.14 -0.87 -3.14
CA PRO C 141 15.87 0.57 -3.34
C PRO C 141 16.69 1.72 -2.68
N ASN C 142 16.48 1.99 -1.34
CA ASN C 142 17.12 3.08 -0.57
C ASN C 142 16.83 4.53 -1.12
N HIS C 143 15.77 4.68 -1.92
CA HIS C 143 15.35 5.97 -2.43
C HIS C 143 13.84 6.07 -2.26
N GLN C 144 13.29 7.27 -2.41
CA GLN C 144 11.83 7.48 -2.39
C GLN C 144 11.52 8.49 -3.46
N SER C 145 10.35 8.39 -4.08
CA SER C 145 9.94 9.31 -5.15
C SER C 145 8.48 9.62 -4.94
N LYS C 146 8.05 10.80 -5.37
CA LYS C 146 6.67 11.22 -5.25
C LYS C 146 6.28 12.00 -6.45
N ASN C 147 5.08 11.72 -7.00
CA ASN C 147 4.69 12.51 -8.17
C ASN C 147 4.13 13.85 -7.69
N PHE C 148 4.73 14.94 -8.15
CA PHE C 148 4.31 16.28 -7.80
C PHE C 148 3.72 16.99 -9.01
N LEU C 149 2.55 17.56 -8.80
CA LEU C 149 1.82 18.26 -9.85
C LEU C 149 1.58 19.71 -9.54
N VAL C 150 2.01 20.58 -10.43
CA VAL C 150 1.86 22.01 -10.25
C VAL C 150 0.57 22.45 -10.93
N PRO C 151 -0.18 23.40 -10.36
CA PRO C 151 -1.43 23.80 -10.99
C PRO C 151 -1.26 24.88 -12.04
N ASP C 152 -2.31 25.05 -12.82
CA ASP C 152 -2.42 26.00 -13.91
C ASP C 152 -2.61 27.41 -13.38
N CYS C 153 -2.43 28.38 -14.29
CA CYS C 153 -2.51 29.81 -14.00
C CYS C 153 -3.86 30.27 -13.56
N GLU C 154 -4.85 29.39 -13.60
CA GLU C 154 -6.19 29.72 -13.16
C GLU C 154 -6.23 29.73 -11.61
N HIS C 155 -5.26 29.00 -11.02
CA HIS C 155 -5.11 28.87 -9.59
C HIS C 155 -4.97 30.23 -8.91
N ALA C 156 -5.74 30.41 -7.85
CA ALA C 156 -5.78 31.63 -7.06
C ALA C 156 -4.41 32.25 -6.83
N ARG C 157 -3.48 31.53 -6.12
CA ARG C 157 -2.11 32.00 -5.88
C ARG C 157 -1.21 31.67 -7.05
N MET C 158 -1.73 30.98 -8.03
CA MET C 158 -0.90 30.71 -9.18
C MET C 158 -0.91 31.90 -10.13
N LYS C 159 -2.09 32.54 -10.37
CA LYS C 159 -2.21 33.63 -11.33
C LYS C 159 -1.33 34.79 -10.97
N VAL C 160 -1.04 35.01 -9.69
CA VAL C 160 -0.17 36.12 -9.35
C VAL C 160 1.35 35.73 -9.31
N THR C 161 1.73 34.53 -9.75
CA THR C 161 3.15 34.17 -9.81
C THR C 161 3.75 34.83 -11.07
N THR C 162 5.05 35.25 -11.05
CA THR C 162 5.71 35.95 -12.18
C THR C 162 5.64 35.19 -13.53
N PRO C 163 5.76 33.82 -13.59
CA PRO C 163 5.61 33.12 -14.89
C PRO C 163 4.20 33.22 -15.44
N CYS C 164 3.23 33.14 -14.55
CA CYS C 164 1.85 33.23 -14.91
C CYS C 164 1.56 34.55 -15.51
N MET C 165 1.75 35.60 -14.69
CA MET C 165 1.54 37.02 -14.95
C MET C 165 2.16 37.51 -16.25
N SER C 166 3.34 36.92 -16.58
CA SER C 166 4.07 37.23 -17.78
C SER C 166 3.39 36.66 -19.06
N SER C 167 2.66 35.55 -18.96
CA SER C 167 1.90 35.10 -20.13
C SER C 167 0.48 35.68 -20.00
N GLY C 168 0.43 36.82 -19.28
CA GLY C 168 -0.70 37.72 -19.01
C GLY C 168 -1.88 37.23 -18.19
N SER C 169 -1.65 36.37 -17.20
CA SER C 169 -2.70 35.78 -16.37
C SER C 169 -3.71 36.76 -15.82
N LEU C 170 -3.33 38.04 -15.71
CA LEU C 170 -4.23 39.04 -15.15
C LEU C 170 -4.54 40.21 -16.12
N TRP C 171 -4.44 39.95 -17.44
CA TRP C 171 -4.79 40.91 -18.49
C TRP C 171 -6.24 40.64 -18.87
N ASP C 172 -7.12 41.64 -18.76
CA ASP C 172 -8.52 41.48 -19.17
C ASP C 172 -8.73 42.34 -20.40
N PRO C 173 -9.09 41.75 -21.55
CA PRO C 173 -9.34 42.59 -22.73
C PRO C 173 -10.72 43.27 -22.72
N ASN C 174 -11.69 42.83 -21.84
CA ASN C 174 -13.07 43.39 -21.70
C ASN C 174 -13.78 43.45 -23.08
N ILE C 175 -13.31 42.59 -24.03
CA ILE C 175 -13.74 42.43 -25.43
C ILE C 175 -15.24 42.74 -25.63
N THR C 176 -15.55 43.66 -26.54
CA THR C 176 -16.93 44.04 -26.84
C THR C 176 -17.14 44.19 -28.32
N VAL C 177 -18.19 43.50 -28.82
CA VAL C 177 -18.54 43.49 -30.23
C VAL C 177 -19.88 44.23 -30.51
N GLU C 178 -19.74 45.56 -30.73
CA GLU C 178 -20.82 46.49 -31.03
C GLU C 178 -21.11 46.45 -32.56
N THR C 179 -22.38 46.20 -32.94
CA THR C 179 -22.85 46.12 -34.32
C THR C 179 -23.00 47.51 -34.95
N LEU C 180 -22.36 47.69 -36.10
CA LEU C 180 -22.41 48.93 -36.86
C LEU C 180 -23.39 48.84 -38.02
N GLU C 181 -24.01 49.98 -38.33
CA GLU C 181 -25.04 50.24 -39.33
C GLU C 181 -24.82 49.57 -40.72
N ALA C 182 -23.78 50.00 -41.50
CA ALA C 182 -23.48 49.51 -42.86
C ALA C 182 -22.99 48.04 -42.93
N HIS C 183 -23.66 47.14 -42.15
CA HIS C 183 -23.38 45.72 -41.98
C HIS C 183 -21.88 45.52 -41.73
N GLN C 184 -21.43 46.05 -40.58
CA GLN C 184 -20.05 46.03 -40.09
C GLN C 184 -20.01 45.61 -38.61
N LEU C 185 -18.79 45.53 -38.03
CA LEU C 185 -18.56 45.19 -36.62
C LEU C 185 -17.33 45.89 -36.07
N ARG C 186 -17.51 46.66 -34.99
CA ARG C 186 -16.41 47.33 -34.29
C ARG C 186 -16.07 46.38 -33.18
N VAL C 187 -14.79 46.05 -33.05
CA VAL C 187 -14.33 45.16 -32.01
C VAL C 187 -13.43 45.93 -31.09
N SER C 188 -13.89 46.10 -29.85
CA SER C 188 -13.16 46.83 -28.82
C SER C 188 -12.55 45.87 -27.82
N PHE C 189 -11.29 46.13 -27.41
CA PHE C 189 -10.49 45.29 -26.50
C PHE C 189 -9.33 46.08 -25.87
N THR C 190 -8.94 45.73 -24.64
CA THR C 190 -7.81 46.38 -23.98
C THR C 190 -6.53 45.61 -24.36
N LEU C 191 -5.37 46.30 -24.41
CA LEU C 191 -4.11 45.67 -24.79
C LEU C 191 -3.17 45.45 -23.62
N TRP C 192 -2.26 44.47 -23.73
CA TRP C 192 -1.33 44.16 -22.65
C TRP C 192 -0.06 44.99 -22.79
N ASN C 193 0.78 45.01 -21.74
CA ASN C 193 2.02 45.76 -21.72
C ASN C 193 3.23 45.00 -22.32
N GLU C 194 2.97 44.28 -23.41
CA GLU C 194 4.01 43.58 -24.16
C GLU C 194 3.82 44.04 -25.60
N SER C 195 4.95 44.34 -26.26
CA SER C 195 4.99 44.75 -27.67
C SER C 195 5.01 43.49 -28.57
N THR C 196 3.91 42.71 -28.55
CA THR C 196 3.68 41.50 -29.34
C THR C 196 2.42 41.75 -30.13
N HIS C 197 2.23 41.05 -31.26
CA HIS C 197 1.00 41.26 -32.01
C HIS C 197 -0.14 40.44 -31.42
N TYR C 198 -1.31 40.61 -31.98
CA TYR C 198 -2.48 39.86 -31.60
C TYR C 198 -3.17 39.49 -32.93
N GLN C 199 -4.22 38.67 -32.86
CA GLN C 199 -5.00 38.19 -33.98
C GLN C 199 -6.48 38.13 -33.53
N ILE C 200 -7.37 38.84 -34.25
CA ILE C 200 -8.81 38.80 -33.98
C ILE C 200 -9.30 37.72 -34.91
N LEU C 201 -10.11 36.82 -34.42
CA LEU C 201 -10.55 35.70 -35.23
C LEU C 201 -12.07 35.61 -35.23
N LEU C 202 -12.67 36.13 -36.32
CA LEU C 202 -14.12 36.11 -36.50
C LEU C 202 -14.61 34.84 -37.17
N THR C 203 -15.66 34.26 -36.58
CA THR C 203 -16.31 33.08 -37.10
C THR C 203 -17.80 33.28 -36.96
N SER C 204 -18.44 33.79 -38.02
CA SER C 204 -19.88 33.99 -38.02
C SER C 204 -20.54 32.65 -38.32
N PHE C 205 -21.71 32.39 -37.73
CA PHE C 205 -22.49 31.16 -37.91
C PHE C 205 -23.96 31.53 -38.12
N PRO C 206 -24.82 30.64 -38.70
CA PRO C 206 -26.27 30.94 -38.75
C PRO C 206 -26.88 30.90 -37.32
N HIS C 207 -28.22 30.86 -37.13
CA HIS C 207 -28.68 30.89 -35.72
C HIS C 207 -28.36 29.62 -34.88
N MET C 208 -28.38 28.39 -35.46
CA MET C 208 -27.98 27.22 -34.66
C MET C 208 -26.90 26.37 -35.34
N GLU C 209 -26.77 26.45 -36.69
CA GLU C 209 -25.74 25.68 -37.39
C GLU C 209 -24.38 26.08 -36.82
N ASN C 210 -23.63 25.10 -36.30
CA ASN C 210 -22.32 25.30 -35.66
C ASN C 210 -21.12 25.21 -36.65
N HIS C 211 -21.41 25.49 -37.93
CA HIS C 211 -20.44 25.48 -39.03
C HIS C 211 -20.40 26.86 -39.63
N SER C 212 -19.19 27.38 -39.76
CA SER C 212 -18.90 28.73 -40.23
C SER C 212 -19.46 29.06 -41.61
N CYS C 213 -20.32 30.10 -41.66
CA CYS C 213 -20.87 30.66 -42.90
C CYS C 213 -19.88 31.70 -43.42
N PHE C 214 -19.08 32.28 -42.49
CA PHE C 214 -18.05 33.29 -42.73
C PHE C 214 -16.96 33.22 -41.66
N GLU C 215 -15.71 33.12 -42.12
CA GLU C 215 -14.56 33.12 -41.24
C GLU C 215 -13.60 34.18 -41.75
N HIS C 216 -13.18 35.04 -40.82
CA HIS C 216 -12.24 36.13 -41.08
C HIS C 216 -11.24 36.18 -39.93
N MET C 217 -10.05 36.66 -40.24
CA MET C 217 -8.95 36.80 -39.32
C MET C 217 -8.24 38.12 -39.65
N HIS C 218 -7.87 38.85 -38.62
CA HIS C 218 -7.29 40.18 -38.72
C HIS C 218 -6.13 40.32 -37.74
N HIS C 219 -5.03 40.91 -38.21
CA HIS C 219 -3.83 41.08 -37.42
C HIS C 219 -3.72 42.47 -36.80
N ILE C 220 -3.58 42.53 -35.45
CA ILE C 220 -3.35 43.80 -34.73
C ILE C 220 -1.89 43.78 -34.34
N PRO C 221 -1.10 44.65 -34.99
CA PRO C 221 0.35 44.67 -34.76
C PRO C 221 0.78 45.16 -33.39
N ALA C 222 2.04 44.82 -33.03
CA ALA C 222 2.69 45.14 -31.77
C ALA C 222 2.48 46.58 -31.39
N PRO C 223 1.93 46.81 -30.19
CA PRO C 223 1.73 48.20 -29.77
C PRO C 223 3.03 48.78 -29.24
N ARG C 224 3.17 50.10 -29.30
CA ARG C 224 4.35 50.77 -28.76
C ARG C 224 4.21 50.83 -27.22
N PRO C 225 5.27 51.10 -26.43
CA PRO C 225 5.09 51.18 -24.96
C PRO C 225 4.09 52.26 -24.48
N GLU C 226 3.70 53.19 -25.39
CA GLU C 226 2.71 54.24 -25.17
C GLU C 226 1.32 53.58 -25.11
N GLU C 227 0.95 52.86 -26.20
CA GLU C 227 -0.30 52.11 -26.43
C GLU C 227 -0.54 50.94 -25.43
N PHE C 228 0.41 50.69 -24.51
CA PHE C 228 0.30 49.68 -23.50
C PHE C 228 -0.89 50.05 -22.62
N HIS C 229 -1.76 49.07 -22.34
CA HIS C 229 -2.96 49.17 -21.47
C HIS C 229 -4.06 50.07 -22.03
N GLN C 230 -3.81 50.71 -23.20
CA GLN C 230 -4.82 51.57 -23.82
C GLN C 230 -5.65 50.75 -24.76
N ARG C 231 -6.99 50.87 -24.61
CA ARG C 231 -8.02 50.13 -25.34
C ARG C 231 -8.06 50.43 -26.85
N SER C 232 -7.94 49.37 -27.66
CA SER C 232 -7.95 49.42 -29.12
C SER C 232 -9.30 48.99 -29.71
N ASN C 233 -9.64 49.55 -30.89
CA ASN C 233 -10.86 49.20 -31.62
C ASN C 233 -10.64 49.16 -33.11
N VAL C 234 -11.05 48.02 -33.70
CA VAL C 234 -10.93 47.67 -35.11
C VAL C 234 -12.30 47.41 -35.74
N THR C 235 -12.62 48.12 -36.83
CA THR C 235 -13.91 47.96 -37.49
C THR C 235 -13.75 47.06 -38.71
N LEU C 236 -14.50 45.96 -38.73
CA LEU C 236 -14.45 44.93 -39.77
C LEU C 236 -15.78 44.83 -40.52
N THR C 237 -15.73 44.76 -41.87
CA THR C 237 -16.96 44.62 -42.66
C THR C 237 -17.34 43.15 -42.72
N LEU C 238 -18.52 42.82 -42.15
CA LEU C 238 -19.12 41.49 -42.07
C LEU C 238 -19.55 40.98 -43.42
N ARG C 239 -19.86 39.65 -43.49
CA ARG C 239 -20.41 39.06 -44.71
C ARG C 239 -21.89 39.43 -44.70
N ASN C 240 -22.34 40.24 -45.69
CA ASN C 240 -23.73 40.71 -45.78
C ASN C 240 -24.65 39.54 -46.20
N LEU C 241 -24.88 38.58 -45.27
CA LEU C 241 -25.68 37.37 -45.48
C LEU C 241 -26.77 37.19 -44.42
N LYS C 242 -27.98 36.81 -44.91
CA LYS C 242 -29.18 36.50 -44.12
C LYS C 242 -28.93 35.18 -43.37
N GLY C 243 -29.27 35.15 -42.07
CA GLY C 243 -29.06 33.98 -41.23
C GLY C 243 -27.70 33.97 -40.57
N CYS C 244 -26.67 34.39 -41.34
CA CYS C 244 -25.28 34.52 -40.92
C CYS C 244 -25.18 35.80 -40.05
N CYS C 245 -25.55 35.65 -38.75
CA CYS C 245 -25.62 36.72 -37.76
C CYS C 245 -24.89 36.42 -36.46
N ARG C 246 -24.99 35.18 -35.96
CA ARG C 246 -24.39 34.76 -34.70
C ARG C 246 -22.87 34.73 -34.81
N HIS C 247 -22.21 35.78 -34.29
CA HIS C 247 -20.76 35.96 -34.36
C HIS C 247 -19.97 35.43 -33.18
N GLN C 248 -18.69 35.15 -33.45
CA GLN C 248 -17.73 34.66 -32.49
C GLN C 248 -16.42 35.38 -32.77
N VAL C 249 -15.99 36.24 -31.82
CA VAL C 249 -14.76 37.02 -31.93
C VAL C 249 -13.76 36.48 -30.92
N GLN C 250 -12.58 36.08 -31.40
CA GLN C 250 -11.56 35.48 -30.58
C GLN C 250 -10.25 36.24 -30.70
N ILE C 251 -9.88 36.95 -29.66
CA ILE C 251 -8.61 37.68 -29.65
C ILE C 251 -7.51 36.74 -29.12
N GLN C 252 -6.43 36.57 -29.89
CA GLN C 252 -5.32 35.70 -29.50
C GLN C 252 -4.02 36.49 -29.24
N PRO C 253 -3.45 36.52 -28.03
CA PRO C 253 -2.17 37.21 -27.84
C PRO C 253 -0.98 36.36 -28.31
N PHE C 254 0.17 37.01 -28.47
CA PHE C 254 1.38 36.30 -28.86
C PHE C 254 2.53 36.61 -27.94
N PHE C 255 2.26 36.63 -26.61
CA PHE C 255 3.26 36.95 -25.57
C PHE C 255 4.46 36.01 -25.63
N SER C 256 5.69 36.57 -25.47
CA SER C 256 6.95 35.85 -25.53
C SER C 256 6.90 34.56 -24.73
N SER C 257 6.24 34.60 -23.57
CA SER C 257 6.07 33.48 -22.65
C SER C 257 5.37 32.23 -23.23
N CYS C 258 4.29 32.39 -24.00
CA CYS C 258 3.50 31.26 -24.55
C CYS C 258 3.58 31.09 -26.09
N LEU C 259 4.11 32.14 -26.76
CA LEU C 259 4.27 32.30 -28.19
C LEU C 259 2.97 32.04 -28.88
N ASN C 260 2.72 30.87 -29.46
CA ASN C 260 1.39 30.77 -30.04
C ASN C 260 0.35 30.29 -29.02
N ASP C 261 0.69 29.22 -28.25
CA ASP C 261 -0.18 28.51 -27.31
C ASP C 261 -0.87 29.34 -26.19
N CYS C 262 -0.78 30.68 -26.24
CA CYS C 262 -1.38 31.64 -25.33
C CYS C 262 -2.87 31.43 -25.10
N LEU C 263 -3.38 32.02 -24.03
CA LEU C 263 -4.79 31.98 -23.65
C LEU C 263 -5.59 32.85 -24.61
N ARG C 264 -6.52 32.25 -25.36
CA ARG C 264 -7.35 33.08 -26.23
C ARG C 264 -8.58 33.55 -25.44
N HIS C 265 -9.19 34.66 -25.88
CA HIS C 265 -10.36 35.23 -25.19
C HIS C 265 -11.52 35.34 -26.16
N SER C 266 -12.63 34.68 -25.81
CA SER C 266 -13.78 34.61 -26.68
C SER C 266 -15.00 35.43 -26.23
N ALA C 267 -15.61 36.05 -27.25
CA ALA C 267 -16.83 36.85 -27.23
C ALA C 267 -17.82 36.21 -28.25
N THR C 268 -19.11 36.10 -27.88
CA THR C 268 -20.12 35.48 -28.72
C THR C 268 -21.37 36.40 -28.80
N VAL C 269 -21.57 37.01 -29.98
CA VAL C 269 -22.68 37.95 -30.25
C VAL C 269 -23.86 37.23 -30.98
N SER C 270 -25.09 37.40 -30.44
CA SER C 270 -26.34 36.79 -30.95
C SER C 270 -27.03 37.64 -32.03
N CYS C 271 -28.34 37.35 -32.31
CA CYS C 271 -29.16 38.04 -33.32
C CYS C 271 -30.44 38.62 -32.69
N ARG D 20 37.56 9.24 -11.15
CA ARG D 20 36.49 10.18 -11.49
C ARG D 20 36.04 10.15 -12.99
N THR D 21 36.55 9.16 -13.77
CA THR D 21 36.24 8.86 -15.19
C THR D 21 36.14 7.32 -15.36
N VAL D 22 35.31 6.86 -16.31
CA VAL D 22 35.12 5.42 -16.50
C VAL D 22 35.39 4.94 -17.90
N MET D 23 36.13 3.81 -18.00
CA MET D 23 36.42 3.18 -19.28
C MET D 23 35.20 2.37 -19.65
N VAL D 24 34.65 2.65 -20.85
CA VAL D 24 33.45 1.99 -21.37
C VAL D 24 33.79 1.31 -22.68
N ASN D 25 33.14 0.17 -22.96
CA ASN D 25 33.40 -0.58 -24.19
C ASN D 25 32.92 0.20 -25.38
N LEU D 26 33.82 0.29 -26.40
CA LEU D 26 33.67 0.99 -27.68
C LEU D 26 32.33 0.76 -28.41
N ASN D 27 31.81 -0.49 -28.32
CA ASN D 27 30.56 -0.93 -28.95
C ASN D 27 29.30 -0.37 -28.27
N ILE D 28 28.74 0.67 -28.93
CA ILE D 28 27.53 1.38 -28.56
C ILE D 28 26.34 0.48 -28.96
N HIS D 29 25.95 -0.46 -28.05
CA HIS D 29 24.87 -1.45 -28.17
C HIS D 29 23.55 -0.75 -28.63
N ASN D 30 22.92 -1.28 -29.72
CA ASN D 30 21.70 -0.73 -30.32
C ASN D 30 20.43 -1.53 -29.99
N ARG D 31 19.65 -1.04 -29.00
CA ARG D 31 18.40 -1.64 -28.54
C ARG D 31 17.16 -0.89 -29.12
N ASN D 32 15.93 -1.32 -28.69
CA ASN D 32 14.58 -0.80 -29.04
C ASN D 32 14.53 0.13 -30.24
N SER D 41 8.91 8.48 -39.47
CA SER D 41 9.10 7.75 -40.72
C SER D 41 8.91 8.65 -41.98
N ASP D 42 7.97 9.64 -41.88
CA ASP D 42 7.58 10.70 -42.84
C ASP D 42 6.40 11.49 -42.24
N TYR D 43 6.32 11.51 -40.90
CA TYR D 43 5.26 12.18 -40.16
C TYR D 43 5.34 13.68 -40.34
N TYR D 44 6.56 14.20 -40.56
CA TYR D 44 6.85 15.62 -40.76
C TYR D 44 6.10 16.24 -41.96
N ASN D 45 5.69 15.41 -42.95
CA ASN D 45 4.87 15.87 -44.07
C ASN D 45 3.40 15.44 -43.89
N ARG D 46 3.17 14.23 -43.32
CA ARG D 46 1.85 13.62 -43.09
C ARG D 46 0.98 14.23 -41.96
N SER D 47 1.59 14.82 -40.90
CA SER D 47 0.92 15.36 -39.70
C SER D 47 0.14 16.66 -39.86
N THR D 48 -1.05 16.73 -39.21
CA THR D 48 -1.94 17.91 -39.12
C THR D 48 -1.13 19.12 -38.70
N SER D 49 -0.18 18.91 -37.80
CA SER D 49 0.78 19.83 -37.20
C SER D 49 2.12 19.44 -37.81
N PRO D 50 2.47 19.88 -39.03
CA PRO D 50 3.70 19.37 -39.65
C PRO D 50 4.96 20.13 -39.28
N TRP D 51 6.16 19.57 -39.59
CA TRP D 51 7.40 20.27 -39.28
C TRP D 51 8.47 20.15 -40.34
N ASN D 52 9.52 20.94 -40.18
CA ASN D 52 10.69 20.97 -41.06
C ASN D 52 11.90 20.63 -40.21
N LEU D 53 12.80 19.77 -40.69
CA LEU D 53 13.99 19.40 -39.92
C LEU D 53 15.17 20.31 -40.22
N HIS D 54 15.85 20.79 -39.16
CA HIS D 54 17.01 21.67 -39.29
C HIS D 54 18.30 20.99 -38.90
N ARG D 55 19.35 21.24 -39.69
CA ARG D 55 20.66 20.60 -39.55
C ARG D 55 21.49 21.09 -38.35
N ASN D 56 21.42 20.38 -37.20
CA ASN D 56 22.28 20.74 -36.09
C ASN D 56 23.52 19.86 -36.15
N GLU D 57 24.51 20.35 -36.88
CA GLU D 57 25.78 19.67 -37.13
C GLU D 57 26.81 20.10 -36.07
N ASP D 58 27.63 19.13 -35.60
CA ASP D 58 28.73 19.34 -34.64
C ASP D 58 29.86 18.29 -34.85
N PRO D 59 31.05 18.71 -35.34
CA PRO D 59 32.15 17.75 -35.55
C PRO D 59 32.73 17.04 -34.31
N GLU D 60 32.60 17.63 -33.10
CA GLU D 60 33.12 17.05 -31.86
C GLU D 60 32.09 16.16 -31.15
N ARG D 61 30.82 16.55 -31.23
CA ARG D 61 29.71 15.87 -30.58
C ARG D 61 29.26 14.63 -31.35
N TYR D 62 28.81 13.61 -30.62
CA TYR D 62 28.22 12.40 -31.16
C TYR D 62 26.86 12.18 -30.50
N PRO D 63 25.78 12.05 -31.30
CA PRO D 63 25.68 12.19 -32.76
C PRO D 63 26.23 13.51 -33.25
N SER D 64 26.88 13.49 -34.41
CA SER D 64 27.42 14.71 -35.01
C SER D 64 26.30 15.61 -35.52
N VAL D 65 25.40 15.06 -36.35
CA VAL D 65 24.24 15.76 -36.89
C VAL D 65 22.99 15.26 -36.15
N ILE D 66 22.17 16.21 -35.66
CA ILE D 66 20.90 16.00 -34.95
C ILE D 66 19.86 16.82 -35.71
N TRP D 67 18.71 16.21 -36.05
CA TRP D 67 17.71 16.96 -36.77
C TRP D 67 16.67 17.57 -35.81
N GLU D 68 16.75 18.91 -35.69
CA GLU D 68 15.86 19.68 -34.86
C GLU D 68 14.69 20.17 -35.68
N ALA D 69 13.53 19.56 -35.42
CA ALA D 69 12.24 19.78 -36.04
C ALA D 69 11.62 21.09 -35.60
N LYS D 70 11.20 21.91 -36.55
CA LYS D 70 10.57 23.18 -36.26
C LYS D 70 9.24 23.24 -36.98
N CYS D 71 8.17 23.58 -36.24
CA CYS D 71 6.80 23.68 -36.74
C CYS D 71 6.69 24.48 -38.02
N ARG D 72 5.86 24.03 -38.95
CA ARG D 72 5.71 24.69 -40.23
C ARG D 72 4.76 25.87 -40.13
N HIS D 73 3.66 25.68 -39.38
CA HIS D 73 2.61 26.68 -39.22
C HIS D 73 2.38 27.07 -37.77
N LEU D 74 1.51 28.07 -37.56
CA LEU D 74 1.09 28.52 -36.23
C LEU D 74 -0.11 27.65 -35.85
N GLY D 75 -1.00 27.43 -36.84
CA GLY D 75 -2.17 26.58 -36.69
C GLY D 75 -1.93 25.22 -37.30
N CYS D 76 -2.98 24.39 -37.36
CA CYS D 76 -2.81 23.06 -37.92
C CYS D 76 -3.73 22.81 -39.09
N ILE D 77 -3.22 22.04 -40.08
CA ILE D 77 -3.81 21.71 -41.38
C ILE D 77 -5.13 20.95 -41.25
N ASN D 78 -6.20 21.58 -41.76
CA ASN D 78 -7.55 21.07 -41.73
C ASN D 78 -7.82 20.11 -42.90
N ALA D 79 -8.99 19.45 -42.82
CA ALA D 79 -9.54 18.48 -43.76
C ALA D 79 -9.36 18.82 -45.27
N ASP D 80 -9.20 20.11 -45.61
CA ASP D 80 -9.06 20.58 -47.00
C ASP D 80 -7.60 20.80 -47.46
N GLY D 81 -6.71 21.18 -46.53
CA GLY D 81 -5.31 21.44 -46.85
C GLY D 81 -4.86 22.86 -46.57
N ASN D 82 -5.72 23.61 -45.86
CA ASN D 82 -5.50 25.00 -45.44
C ASN D 82 -5.24 24.99 -43.94
N VAL D 83 -4.76 26.13 -43.43
CA VAL D 83 -4.44 26.28 -42.02
C VAL D 83 -5.71 26.65 -41.22
N ASP D 84 -5.98 25.89 -40.13
CA ASP D 84 -7.09 26.11 -39.19
C ASP D 84 -6.44 26.90 -38.05
N TYR D 85 -6.63 28.23 -38.07
CA TYR D 85 -6.04 29.10 -37.07
C TYR D 85 -6.72 29.02 -35.71
N HIS D 86 -7.80 28.20 -35.61
CA HIS D 86 -8.53 27.93 -34.38
C HIS D 86 -7.81 26.90 -33.47
N MET D 87 -6.71 26.32 -33.97
CA MET D 87 -5.86 25.32 -33.29
C MET D 87 -4.39 25.81 -33.25
N ASN D 88 -3.56 25.24 -32.34
CA ASN D 88 -2.14 25.56 -32.19
C ASN D 88 -1.22 24.40 -32.55
N SER D 89 -0.21 24.68 -33.39
CA SER D 89 0.80 23.72 -33.80
C SER D 89 2.00 23.98 -32.87
N VAL D 90 2.10 23.18 -31.77
CA VAL D 90 3.14 23.32 -30.73
C VAL D 90 4.13 22.17 -30.76
N PRO D 91 5.44 22.42 -30.47
CA PRO D 91 6.43 21.35 -30.61
C PRO D 91 6.69 20.59 -29.35
N ILE D 92 7.11 19.33 -29.53
CA ILE D 92 7.51 18.43 -28.47
C ILE D 92 9.04 18.60 -28.30
N GLN D 93 9.48 18.82 -27.05
CA GLN D 93 10.89 19.05 -26.71
C GLN D 93 11.41 18.00 -25.74
N GLN D 94 12.69 17.66 -25.88
CA GLN D 94 13.29 16.64 -25.03
C GLN D 94 14.73 16.96 -24.66
N GLU D 95 15.14 16.46 -23.51
CA GLU D 95 16.49 16.47 -22.99
C GLU D 95 17.10 15.17 -23.49
N ILE D 96 18.31 15.24 -24.04
CA ILE D 96 18.94 14.01 -24.51
C ILE D 96 20.39 13.95 -24.06
N LEU D 97 20.99 12.73 -24.08
CA LEU D 97 22.40 12.49 -23.76
C LEU D 97 23.18 12.32 -25.05
N VAL D 98 24.19 13.19 -25.24
CA VAL D 98 25.14 13.23 -26.37
C VAL D 98 26.54 13.12 -25.76
N LEU D 99 27.58 12.81 -26.55
CA LEU D 99 28.94 12.76 -25.99
C LEU D 99 29.82 13.71 -26.73
N ARG D 100 30.50 14.62 -26.04
CA ARG D 100 31.41 15.53 -26.72
C ARG D 100 32.86 15.06 -26.54
N ARG D 101 33.72 15.21 -27.57
CA ARG D 101 35.13 14.86 -27.47
C ARG D 101 35.79 15.83 -26.48
N GLU D 102 36.29 15.30 -25.33
CA GLU D 102 36.91 16.09 -24.26
C GLU D 102 38.26 15.47 -23.78
N PRO D 103 39.45 16.04 -24.12
CA PRO D 103 39.73 17.28 -24.89
C PRO D 103 39.20 17.25 -26.34
N PRO D 104 38.97 18.44 -26.95
CA PRO D 104 38.34 18.50 -28.29
C PRO D 104 38.97 17.70 -29.45
N HIS D 105 40.25 17.35 -29.31
CA HIS D 105 41.07 16.67 -30.32
C HIS D 105 41.21 15.16 -30.14
N CYS D 106 41.41 14.70 -28.88
CA CYS D 106 41.66 13.31 -28.45
C CYS D 106 40.76 12.26 -29.14
N PRO D 107 41.23 10.99 -29.32
CA PRO D 107 40.39 10.00 -30.01
C PRO D 107 39.15 9.51 -29.25
N ASN D 108 39.35 8.84 -28.11
CA ASN D 108 38.25 8.23 -27.38
C ASN D 108 37.91 8.88 -26.03
N SER D 109 38.55 10.00 -25.65
CA SER D 109 38.19 10.63 -24.39
C SER D 109 36.99 11.61 -24.58
N PHE D 110 35.79 11.20 -24.10
CA PHE D 110 34.56 11.97 -24.19
C PHE D 110 34.02 12.37 -22.84
N ARG D 111 33.27 13.49 -22.82
CA ARG D 111 32.55 14.00 -21.65
C ARG D 111 31.06 14.04 -22.05
N LEU D 112 30.20 13.47 -21.21
CA LEU D 112 28.76 13.36 -21.42
C LEU D 112 28.10 14.75 -21.49
N GLU D 113 27.14 14.93 -22.41
CA GLU D 113 26.47 16.23 -22.56
C GLU D 113 24.96 16.06 -22.59
N LYS D 114 24.26 17.01 -21.95
CA LYS D 114 22.80 17.09 -21.87
C LYS D 114 22.37 18.29 -22.76
N ILE D 115 21.40 18.07 -23.69
CA ILE D 115 20.89 19.13 -24.60
C ILE D 115 19.39 19.07 -24.82
N LEU D 116 18.79 20.20 -25.27
CA LEU D 116 17.36 20.39 -25.57
C LEU D 116 17.14 20.24 -27.08
N VAL D 117 16.19 19.37 -27.45
CA VAL D 117 15.93 19.09 -28.83
C VAL D 117 14.45 19.21 -29.08
N SER D 118 14.07 19.93 -30.15
CA SER D 118 12.68 20.00 -30.60
C SER D 118 12.54 18.76 -31.47
N VAL D 119 11.70 17.78 -31.08
CA VAL D 119 11.58 16.49 -31.78
C VAL D 119 10.49 16.47 -32.85
N GLY D 120 9.29 16.90 -32.50
CA GLY D 120 8.20 16.97 -33.45
C GLY D 120 7.20 18.03 -33.04
N CYS D 121 6.10 18.09 -33.75
CA CYS D 121 5.04 19.04 -33.45
C CYS D 121 3.75 18.24 -33.40
N THR D 122 2.86 18.58 -32.46
CA THR D 122 1.54 17.96 -32.38
C THR D 122 0.45 19.01 -32.42
N CYS D 123 -0.84 18.62 -32.62
CA CYS D 123 -1.84 19.68 -32.63
C CYS D 123 -2.74 19.66 -31.44
N VAL D 124 -2.78 20.80 -30.74
CA VAL D 124 -3.54 21.00 -29.51
C VAL D 124 -4.63 22.04 -29.64
N THR D 125 -5.63 21.92 -28.82
CA THR D 125 -6.72 22.85 -28.77
C THR D 125 -6.27 24.01 -27.85
N PRO D 126 -6.31 25.29 -28.28
CA PRO D 126 -5.88 26.38 -27.37
C PRO D 126 -6.88 26.69 -26.25
N ILE D 127 -6.37 27.07 -25.08
CA ILE D 127 -7.25 27.33 -23.95
C ILE D 127 -7.91 28.68 -24.07
N VAL D 128 -9.18 28.65 -24.44
CA VAL D 128 -10.01 29.84 -24.67
C VAL D 128 -10.93 30.06 -23.48
N HIS D 129 -10.91 31.28 -22.90
CA HIS D 129 -11.78 31.64 -21.79
C HIS D 129 -12.83 32.66 -22.28
N HIS D 130 -14.11 32.28 -22.19
CA HIS D 130 -15.26 33.05 -22.67
C HIS D 130 -15.83 34.08 -21.69
N VAL D 131 -16.74 34.93 -22.20
CA VAL D 131 -17.41 35.96 -21.40
C VAL D 131 -18.93 35.88 -21.58
N SER E 22 47.21 19.02 -24.53
CA SER E 22 47.15 17.95 -23.54
C SER E 22 46.21 16.84 -23.99
N CYS E 23 46.58 15.55 -23.76
CA CYS E 23 45.77 14.37 -24.11
C CYS E 23 45.98 13.18 -23.12
N PRO E 24 44.91 12.54 -22.55
CA PRO E 24 45.12 11.42 -21.62
C PRO E 24 45.63 10.12 -22.29
N PRO E 25 46.24 9.16 -21.53
CA PRO E 25 46.71 7.92 -22.18
C PRO E 25 45.50 7.07 -22.56
N VAL E 26 45.14 7.15 -23.86
CA VAL E 26 43.98 6.48 -24.46
C VAL E 26 44.18 4.94 -24.53
N PRO E 27 43.47 4.16 -23.66
CA PRO E 27 43.64 2.69 -23.68
C PRO E 27 42.83 2.01 -24.78
N GLY E 28 43.34 0.87 -25.26
CA GLY E 28 42.75 0.09 -26.35
C GLY E 28 41.42 -0.56 -26.07
N GLY E 29 40.67 -0.80 -27.15
CA GLY E 29 39.36 -1.45 -27.17
C GLY E 29 38.27 -0.86 -26.30
N SER E 30 38.43 0.41 -25.88
CA SER E 30 37.49 1.11 -25.01
C SER E 30 37.46 2.65 -25.26
N MET E 31 36.78 3.38 -24.37
CA MET E 31 36.66 4.85 -24.39
C MET E 31 36.88 5.37 -22.98
N LYS E 32 37.30 6.64 -22.85
CA LYS E 32 37.39 7.31 -21.56
C LYS E 32 36.10 8.15 -21.52
N LEU E 33 35.32 8.00 -20.46
CA LEU E 33 34.05 8.72 -20.33
C LEU E 33 34.01 9.58 -19.09
N ASP E 34 34.45 10.84 -19.21
CA ASP E 34 34.43 11.76 -18.08
C ASP E 34 32.98 12.02 -17.78
N ILE E 35 32.63 11.95 -16.50
CA ILE E 35 31.28 12.20 -16.06
C ILE E 35 31.28 13.52 -15.28
N GLY E 36 31.01 14.59 -15.98
CA GLY E 36 30.97 15.93 -15.42
C GLY E 36 29.83 16.70 -16.07
N ILE E 37 29.10 15.96 -16.92
CA ILE E 37 27.95 16.31 -17.75
C ILE E 37 27.47 17.78 -17.62
N ILE E 38 27.82 18.66 -18.56
CA ILE E 38 27.33 20.01 -18.47
C ILE E 38 26.11 20.09 -19.36
N ASN E 39 25.01 20.55 -18.76
CA ASN E 39 23.73 20.71 -19.42
C ASN E 39 23.72 22.04 -20.10
N GLU E 40 24.31 22.10 -21.30
CA GLU E 40 24.41 23.31 -22.15
C GLU E 40 23.01 23.85 -22.51
N ASN E 41 21.97 22.99 -22.37
CA ASN E 41 20.58 23.35 -22.62
C ASN E 41 19.78 23.46 -21.33
N GLN E 42 19.85 24.69 -20.76
CA GLN E 42 19.12 25.16 -19.59
C GLN E 42 17.91 25.93 -20.11
N ARG E 43 16.97 25.13 -20.67
CA ARG E 43 15.70 25.41 -21.36
C ARG E 43 15.46 26.91 -21.68
N VAL E 44 14.74 27.62 -20.78
CA VAL E 44 14.28 29.01 -20.91
C VAL E 44 13.33 29.09 -22.17
N SER E 45 12.45 28.06 -22.29
CA SER E 45 11.37 27.84 -23.26
C SER E 45 10.21 27.11 -22.55
N MET E 46 9.31 27.92 -21.89
CA MET E 46 8.13 27.53 -21.12
C MET E 46 7.32 26.40 -21.76
N SER E 47 7.39 25.18 -21.16
CA SER E 47 6.66 23.99 -21.61
C SER E 47 5.34 23.86 -20.81
N ARG E 48 4.41 22.97 -21.23
CA ARG E 48 3.13 22.79 -20.55
C ARG E 48 2.45 21.41 -20.80
N ASN E 49 1.16 21.29 -20.38
CA ASN E 49 0.25 20.15 -20.46
C ASN E 49 -0.28 19.99 -21.89
N ILE E 50 0.56 19.62 -22.82
CA ILE E 50 0.00 19.44 -24.15
C ILE E 50 -0.49 18.00 -24.34
N GLU E 51 -0.12 17.09 -23.40
CA GLU E 51 -0.44 15.67 -23.50
C GLU E 51 -1.93 15.40 -23.48
N SER E 52 -2.65 16.22 -22.73
CA SER E 52 -4.08 16.10 -22.52
C SER E 52 -4.87 16.81 -23.59
N ARG E 53 -4.30 17.88 -24.17
CA ARG E 53 -4.97 18.74 -25.16
C ARG E 53 -4.82 18.32 -26.62
N SER E 54 -3.76 17.56 -26.93
CA SER E 54 -3.50 17.14 -28.31
C SER E 54 -4.64 16.34 -28.90
N THR E 55 -4.79 16.45 -30.25
CA THR E 55 -5.78 15.73 -31.08
C THR E 55 -5.41 14.26 -31.06
N SER E 56 -4.13 14.01 -30.81
CA SER E 56 -3.43 12.75 -30.63
C SER E 56 -3.03 12.77 -29.14
N PRO E 57 -3.94 12.51 -28.16
CA PRO E 57 -3.50 12.65 -26.76
C PRO E 57 -2.64 11.48 -26.33
N TRP E 58 -1.92 11.60 -25.19
CA TRP E 58 -1.10 10.48 -24.70
C TRP E 58 -0.83 10.53 -23.22
N ASN E 59 -0.50 9.36 -22.63
CA ASN E 59 -0.11 9.23 -21.22
C ASN E 59 1.40 9.09 -21.13
N TYR E 60 1.98 9.45 -19.97
CA TYR E 60 3.43 9.33 -19.70
C TYR E 60 3.62 8.20 -18.67
N THR E 61 4.67 7.40 -18.81
CA THR E 61 5.00 6.33 -17.86
C THR E 61 6.42 6.52 -17.41
N VAL E 62 6.68 6.52 -16.11
CA VAL E 62 8.06 6.64 -15.63
C VAL E 62 8.74 5.25 -15.64
N THR E 63 9.91 5.15 -16.26
CA THR E 63 10.63 3.90 -16.37
C THR E 63 11.84 3.89 -15.45
N TRP E 64 11.86 2.91 -14.54
CA TRP E 64 12.85 2.73 -13.51
C TRP E 64 13.79 1.60 -13.77
N ASP E 65 15.06 1.90 -14.06
CA ASP E 65 16.09 0.88 -14.19
C ASP E 65 17.23 1.25 -13.28
N PRO E 66 17.34 0.54 -12.17
CA PRO E 66 18.37 0.87 -11.19
C PRO E 66 19.80 0.81 -11.69
N ASN E 67 20.06 -0.01 -12.71
CA ASN E 67 21.40 -0.23 -13.28
C ASN E 67 21.60 0.53 -14.59
N ARG E 68 21.04 1.73 -14.63
CA ARG E 68 21.06 2.56 -15.83
C ARG E 68 21.34 3.99 -15.44
N TYR E 69 21.69 4.78 -16.43
CA TYR E 69 21.81 6.21 -16.29
C TYR E 69 21.40 6.93 -17.61
N PRO E 70 20.32 7.75 -17.59
CA PRO E 70 19.44 8.08 -16.45
C PRO E 70 18.74 6.85 -15.89
N SER E 71 18.57 6.80 -14.56
CA SER E 71 17.89 5.69 -13.94
C SER E 71 16.42 5.73 -14.27
N GLU E 72 15.87 6.96 -14.43
CA GLU E 72 14.47 7.25 -14.74
C GLU E 72 14.36 7.78 -16.17
N VAL E 73 13.49 7.14 -16.99
CA VAL E 73 13.21 7.56 -18.38
C VAL E 73 11.70 7.62 -18.62
N VAL E 74 11.21 8.73 -19.18
CA VAL E 74 9.76 8.86 -19.36
C VAL E 74 9.34 8.50 -20.76
N GLN E 75 8.58 7.41 -20.87
CA GLN E 75 8.05 6.96 -22.16
C GLN E 75 6.61 7.43 -22.30
N ALA E 76 6.20 7.84 -23.51
CA ALA E 76 4.83 8.24 -23.76
C ALA E 76 4.05 7.13 -24.51
N GLN E 77 2.72 7.05 -24.30
CA GLN E 77 1.85 6.05 -24.95
C GLN E 77 0.59 6.69 -25.48
N CYS E 78 0.39 6.55 -26.80
CA CYS E 78 -0.77 7.06 -27.53
C CYS E 78 -2.04 6.57 -26.88
N ARG E 79 -2.95 7.50 -26.53
CA ARG E 79 -4.20 7.15 -25.86
C ARG E 79 -5.11 6.26 -26.73
N ASN E 80 -5.14 6.48 -28.06
CA ASN E 80 -6.02 5.69 -28.92
C ASN E 80 -5.41 5.32 -30.29
N LEU E 81 -6.13 4.52 -31.08
CA LEU E 81 -5.70 4.12 -32.40
C LEU E 81 -5.81 5.31 -33.35
N GLY E 82 -6.84 6.13 -33.12
CA GLY E 82 -7.19 7.31 -33.89
C GLY E 82 -7.14 8.63 -33.16
N CYS E 83 -7.35 9.72 -33.91
CA CYS E 83 -7.29 11.09 -33.42
C CYS E 83 -8.62 11.60 -32.96
N ILE E 84 -8.65 12.25 -31.80
CA ILE E 84 -9.85 12.87 -31.21
C ILE E 84 -10.20 14.15 -31.96
N ASN E 85 -11.50 14.34 -32.28
CA ASN E 85 -12.01 15.51 -33.00
C ASN E 85 -12.31 16.71 -32.08
N ALA E 86 -13.14 17.66 -32.57
CA ALA E 86 -13.56 18.91 -31.90
C ALA E 86 -14.65 18.72 -30.84
N GLN E 87 -15.47 17.65 -31.00
CA GLN E 87 -16.59 17.29 -30.12
C GLN E 87 -16.14 16.42 -28.92
N GLY E 88 -14.92 15.87 -29.02
CA GLY E 88 -14.34 15.06 -27.97
C GLY E 88 -14.36 13.56 -28.18
N LYS E 89 -14.89 13.10 -29.35
CA LYS E 89 -14.97 11.68 -29.72
C LYS E 89 -13.80 11.29 -30.65
N GLU E 90 -13.54 9.99 -30.82
CA GLU E 90 -12.44 9.51 -31.66
C GLU E 90 -12.79 9.48 -33.14
N ASP E 91 -11.81 9.80 -33.99
CA ASP E 91 -11.92 9.73 -35.46
C ASP E 91 -10.92 8.66 -35.92
N ILE E 92 -11.45 7.60 -36.52
CA ILE E 92 -10.68 6.44 -36.97
C ILE E 92 -10.06 6.65 -38.36
N SER E 93 -10.58 7.63 -39.14
CA SER E 93 -10.09 8.01 -40.49
C SER E 93 -8.73 8.77 -40.41
N MET E 94 -8.28 9.02 -39.18
CA MET E 94 -7.01 9.63 -38.83
C MET E 94 -6.34 8.72 -37.80
N ASN E 95 -5.01 8.58 -37.89
CA ASN E 95 -4.29 7.72 -36.96
C ASN E 95 -3.36 8.53 -36.05
N SER E 96 -3.39 8.26 -34.75
CA SER E 96 -2.43 8.96 -33.90
C SER E 96 -1.25 8.02 -33.79
N VAL E 97 -0.07 8.57 -34.05
CA VAL E 97 1.20 7.86 -34.11
C VAL E 97 2.19 8.32 -33.07
N PRO E 98 3.03 7.40 -32.56
CA PRO E 98 4.08 7.84 -31.63
C PRO E 98 5.25 8.47 -32.38
N ILE E 99 5.86 9.51 -31.75
CA ILE E 99 7.01 10.18 -32.33
C ILE E 99 8.18 9.90 -31.42
N GLN E 100 9.20 9.21 -31.96
CA GLN E 100 10.32 8.74 -31.14
C GLN E 100 11.62 9.48 -31.32
N GLN E 101 12.37 9.60 -30.21
CA GLN E 101 13.69 10.22 -30.09
C GLN E 101 14.64 9.18 -29.48
N GLU E 102 15.66 8.81 -30.24
CA GLU E 102 16.69 7.87 -29.78
C GLU E 102 17.69 8.68 -28.94
N THR E 103 17.91 8.28 -27.69
CA THR E 103 18.91 8.93 -26.84
C THR E 103 19.89 7.89 -26.32
N LEU E 104 20.87 8.35 -25.55
CA LEU E 104 21.88 7.50 -24.93
C LEU E 104 21.59 7.25 -23.46
N VAL E 105 22.07 6.09 -22.97
CA VAL E 105 22.06 5.66 -21.58
C VAL E 105 23.43 5.08 -21.24
N VAL E 106 23.68 4.84 -19.95
CA VAL E 106 24.92 4.21 -19.48
C VAL E 106 24.48 2.99 -18.68
N ARG E 107 24.81 1.82 -19.19
CA ARG E 107 24.42 0.54 -18.60
C ARG E 107 25.49 -0.05 -17.67
N ARG E 108 25.14 -0.20 -16.35
CA ARG E 108 25.96 -0.85 -15.33
C ARG E 108 25.64 -2.34 -15.41
N LYS E 109 26.70 -3.15 -15.34
CA LYS E 109 26.57 -4.60 -15.34
C LYS E 109 27.51 -5.16 -14.25
N HIS E 110 27.18 -6.35 -13.70
CA HIS E 110 28.04 -6.97 -12.69
C HIS E 110 28.20 -8.43 -12.93
N GLN E 111 29.42 -8.88 -12.73
CA GLN E 111 29.85 -10.27 -12.82
C GLN E 111 29.93 -10.78 -11.38
N GLY E 112 30.12 -9.84 -10.47
CA GLY E 112 30.20 -10.01 -9.03
C GLY E 112 30.50 -8.67 -8.39
N CYS E 113 31.70 -8.58 -7.74
CA CYS E 113 32.26 -7.38 -7.09
C CYS E 113 32.52 -6.34 -8.20
N SER E 114 32.98 -6.85 -9.37
CA SER E 114 33.35 -6.18 -10.61
C SER E 114 32.14 -5.53 -11.30
N VAL E 115 32.29 -4.24 -11.65
CA VAL E 115 31.28 -3.42 -12.31
C VAL E 115 31.79 -2.88 -13.66
N SER E 116 31.02 -3.14 -14.74
CA SER E 116 31.34 -2.73 -16.11
C SER E 116 30.37 -1.67 -16.57
N PHE E 117 30.81 -0.86 -17.54
CA PHE E 117 29.97 0.17 -18.11
C PHE E 117 29.96 0.17 -19.61
N GLN E 118 28.77 0.37 -20.17
CA GLN E 118 28.48 0.39 -21.60
C GLN E 118 27.52 1.54 -21.92
N LEU E 119 27.50 2.03 -23.17
CA LEU E 119 26.55 3.03 -23.61
C LEU E 119 25.49 2.32 -24.44
N GLU E 120 24.21 2.58 -24.17
CA GLU E 120 23.14 1.96 -24.95
C GLU E 120 22.36 3.08 -25.61
N LYS E 121 21.72 2.77 -26.72
CA LYS E 121 20.87 3.70 -27.43
C LYS E 121 19.44 3.32 -27.07
N VAL E 122 18.72 4.22 -26.44
CA VAL E 122 17.34 3.95 -26.08
C VAL E 122 16.39 4.81 -26.86
N LEU E 123 15.48 4.16 -27.55
CA LEU E 123 14.47 4.87 -28.30
C LEU E 123 13.36 5.22 -27.35
N VAL E 124 13.12 6.52 -27.22
CA VAL E 124 12.13 7.09 -26.31
C VAL E 124 10.94 7.67 -27.09
N THR E 125 9.72 7.30 -26.70
CA THR E 125 8.54 7.85 -27.33
C THR E 125 8.26 9.17 -26.60
N VAL E 126 8.43 10.29 -27.31
CA VAL E 126 8.30 11.61 -26.68
C VAL E 126 6.84 12.14 -26.66
N GLY E 127 5.96 11.53 -27.47
CA GLY E 127 4.55 11.90 -27.58
C GLY E 127 3.89 11.45 -28.88
N CYS E 128 2.67 11.88 -29.15
CA CYS E 128 2.00 11.47 -30.38
C CYS E 128 1.71 12.63 -31.24
N THR E 129 1.57 12.41 -32.56
CA THR E 129 1.13 13.43 -33.53
C THR E 129 -0.04 12.89 -34.32
N CYS E 130 -0.83 13.75 -34.98
CA CYS E 130 -1.90 13.20 -35.79
C CYS E 130 -1.57 13.24 -37.29
N VAL E 131 -1.51 12.05 -37.90
CA VAL E 131 -1.17 11.86 -39.30
C VAL E 131 -2.32 11.29 -40.10
N THR E 132 -2.43 11.77 -41.33
CA THR E 132 -3.36 11.25 -42.32
C THR E 132 -2.75 9.91 -42.77
N PRO E 133 -3.54 8.83 -42.93
CA PRO E 133 -2.95 7.55 -43.34
C PRO E 133 -2.27 7.56 -44.72
N VAL E 134 -1.75 6.39 -45.19
CA VAL E 134 -1.07 6.30 -46.48
C VAL E 134 -2.05 6.12 -47.65
N SER F 22 13.49 -18.56 51.07
CA SER F 22 14.21 -17.51 50.37
C SER F 22 13.29 -16.34 50.05
N CYS F 23 13.79 -15.08 50.16
CA CYS F 23 13.03 -13.84 49.87
C CYS F 23 13.92 -12.69 49.32
N PRO F 24 13.56 -12.02 48.19
CA PRO F 24 14.41 -10.93 47.67
C PRO F 24 14.34 -9.62 48.51
N PRO F 25 15.32 -8.68 48.37
CA PRO F 25 15.21 -7.40 49.13
C PRO F 25 14.08 -6.55 48.55
N VAL F 26 12.92 -6.61 49.22
CA VAL F 26 11.67 -5.95 48.81
C VAL F 26 11.76 -4.41 48.96
N PRO F 27 11.85 -3.65 47.84
CA PRO F 27 11.93 -2.18 47.93
C PRO F 27 10.54 -1.52 48.09
N GLY F 28 10.52 -0.39 48.79
CA GLY F 28 9.32 0.37 49.13
C GLY F 28 8.54 0.97 47.98
N GLY F 29 7.23 1.15 48.22
CA GLY F 29 6.24 1.75 47.32
C GLY F 29 6.11 1.15 45.93
N SER F 30 6.61 -0.09 45.73
CA SER F 30 6.61 -0.76 44.43
C SER F 30 6.49 -2.30 44.56
N MET F 31 6.68 -3.02 43.44
CA MET F 31 6.65 -4.48 43.37
C MET F 31 7.83 -4.97 42.54
N LYS F 32 8.25 -6.23 42.78
CA LYS F 32 9.24 -6.91 41.97
C LYS F 32 8.39 -7.78 41.04
N LEU F 33 8.59 -7.65 39.73
CA LEU F 33 7.83 -8.39 38.74
C LEU F 33 8.72 -9.20 37.84
N ASP F 34 9.02 -10.45 38.22
CA ASP F 34 9.82 -11.30 37.35
C ASP F 34 8.94 -11.61 36.16
N ILE F 35 9.50 -11.52 34.95
CA ILE F 35 8.73 -11.79 33.75
C ILE F 35 9.31 -13.07 33.17
N GLY F 36 8.67 -14.16 33.53
CA GLY F 36 9.07 -15.50 33.13
C GLY F 36 7.83 -16.33 32.88
N ILE F 37 6.70 -15.60 32.81
CA ILE F 37 5.31 -16.00 32.55
C ILE F 37 5.11 -17.52 32.34
N ILE F 38 4.62 -18.23 33.38
CA ILE F 38 4.38 -19.65 33.16
C ILE F 38 2.91 -19.81 32.84
N ASN F 39 2.66 -20.46 31.70
CA ASN F 39 1.31 -20.72 31.21
C ASN F 39 0.83 -22.00 31.84
N GLU F 40 0.33 -21.89 33.10
CA GLU F 40 -0.21 -23.02 33.87
C GLU F 40 -1.41 -23.68 33.17
N ASN F 41 -2.03 -22.93 32.21
CA ASN F 41 -3.15 -23.39 31.41
C ASN F 41 -2.74 -23.65 29.95
N GLN F 42 -2.31 -24.91 29.75
CA GLN F 42 -1.92 -25.49 28.48
C GLN F 42 -3.15 -26.27 27.96
N ARG F 43 -4.18 -25.48 27.55
CA ARG F 43 -5.51 -25.80 26.99
C ARG F 43 -5.80 -27.31 26.85
N VAL F 44 -5.46 -27.90 25.66
CA VAL F 44 -5.73 -29.30 25.25
C VAL F 44 -7.29 -29.49 25.21
N SER F 45 -7.97 -28.46 24.63
CA SER F 45 -9.43 -28.35 24.40
C SER F 45 -9.65 -27.49 23.13
N MET F 46 -9.59 -28.14 21.94
CA MET F 46 -9.77 -27.59 20.57
C MET F 46 -10.89 -26.54 20.46
N SER F 47 -10.50 -25.25 20.30
CA SER F 47 -11.41 -24.11 20.14
C SER F 47 -11.57 -23.83 18.62
N ARG F 48 -12.54 -22.97 18.22
CA ARG F 48 -12.74 -22.71 16.79
C ARG F 48 -13.32 -21.32 16.45
N ASN F 49 -13.45 -21.08 15.13
CA ASN F 49 -13.98 -19.82 14.64
C ASN F 49 -15.52 -19.91 14.52
N ILE F 50 -16.15 -19.48 15.63
CA ILE F 50 -17.58 -19.50 15.86
C ILE F 50 -18.17 -18.10 15.78
N GLU F 51 -17.29 -17.06 15.78
CA GLU F 51 -17.64 -15.63 15.66
C GLU F 51 -18.65 -15.37 14.54
N SER F 52 -18.58 -16.19 13.51
CA SER F 52 -19.42 -16.10 12.33
C SER F 52 -20.74 -16.85 12.50
N ARG F 53 -20.74 -17.91 13.32
CA ARG F 53 -21.89 -18.78 13.53
C ARG F 53 -22.86 -18.36 14.65
N SER F 54 -22.36 -17.60 15.63
CA SER F 54 -23.18 -17.17 16.75
C SER F 54 -24.43 -16.40 16.33
N THR F 55 -25.50 -16.53 17.15
CA THR F 55 -26.78 -15.82 17.02
C THR F 55 -26.54 -14.33 17.23
N SER F 56 -25.47 -14.00 17.96
CA SER F 56 -24.96 -12.64 18.19
C SER F 56 -23.58 -12.68 17.57
N PRO F 57 -23.47 -12.55 16.22
CA PRO F 57 -22.14 -12.67 15.60
C PRO F 57 -21.25 -11.47 15.90
N TRP F 58 -19.93 -11.57 15.65
CA TRP F 58 -19.03 -10.45 15.89
C TRP F 58 -17.78 -10.50 15.08
N ASN F 59 -17.13 -9.33 14.89
CA ASN F 59 -15.84 -9.23 14.19
C ASN F 59 -14.74 -9.04 15.23
N TYR F 60 -13.48 -9.38 14.86
CA TYR F 60 -12.30 -9.23 15.73
C TYR F 60 -11.41 -8.13 15.15
N THR F 61 -10.79 -7.31 16.01
CA THR F 61 -9.87 -6.25 15.58
C THR F 61 -8.57 -6.43 16.33
N VAL F 62 -7.44 -6.41 15.60
CA VAL F 62 -6.15 -6.48 16.29
C VAL F 62 -5.70 -5.10 16.76
N THR F 63 -5.35 -4.98 18.06
CA THR F 63 -4.93 -3.70 18.63
C THR F 63 -3.42 -3.67 18.95
N TRP F 64 -2.65 -2.71 18.39
CA TRP F 64 -1.20 -2.65 18.62
C TRP F 64 -0.79 -1.45 19.39
N ASP F 65 -0.33 -1.67 20.61
CA ASP F 65 0.23 -0.64 21.48
C ASP F 65 1.71 -1.01 21.69
N PRO F 66 2.60 -0.43 20.86
CA PRO F 66 4.03 -0.79 20.93
C PRO F 66 4.70 -0.70 22.28
N ASN F 67 4.12 0.10 23.19
CA ASN F 67 4.60 0.34 24.54
C ASN F 67 3.79 -0.40 25.59
N ARG F 68 3.31 -1.59 25.24
CA ARG F 68 2.51 -2.39 26.16
C ARG F 68 2.90 -3.81 26.06
N TYR F 69 2.57 -4.60 27.08
CA TYR F 69 2.73 -6.04 27.00
C TYR F 69 1.49 -6.74 27.51
N PRO F 70 0.80 -7.49 26.62
CA PRO F 70 1.09 -7.70 25.19
C PRO F 70 0.93 -6.46 24.33
N SER F 71 1.74 -6.35 23.27
CA SER F 71 1.67 -5.24 22.33
C SER F 71 0.40 -5.40 21.48
N GLU F 72 -0.01 -6.66 21.28
CA GLU F 72 -1.15 -7.00 20.46
C GLU F 72 -2.26 -7.51 21.35
N VAL F 73 -3.45 -6.89 21.26
CA VAL F 73 -4.68 -7.29 21.99
C VAL F 73 -5.86 -7.41 21.02
N VAL F 74 -6.58 -8.52 21.05
CA VAL F 74 -7.70 -8.68 20.12
C VAL F 74 -9.01 -8.33 20.80
N GLN F 75 -9.64 -7.25 20.30
CA GLN F 75 -10.94 -6.81 20.79
C GLN F 75 -12.01 -7.28 19.83
N ALA F 76 -13.17 -7.70 20.37
CA ALA F 76 -14.30 -8.12 19.56
C ALA F 76 -15.38 -7.01 19.47
N GLN F 77 -16.16 -6.97 18.34
CA GLN F 77 -17.22 -5.98 18.13
C GLN F 77 -18.47 -6.62 17.60
N CYS F 78 -19.56 -6.47 18.34
CA CYS F 78 -20.89 -7.00 18.02
C CYS F 78 -21.31 -6.56 16.64
N ARG F 79 -21.68 -7.51 15.78
CA ARG F 79 -22.08 -7.21 14.41
C ARG F 79 -23.36 -6.37 14.34
N ASN F 80 -24.33 -6.62 15.24
CA ASN F 80 -25.58 -5.86 15.17
C ASN F 80 -26.16 -5.47 16.56
N LEU F 81 -27.24 -4.67 16.54
CA LEU F 81 -27.93 -4.23 17.74
C LEU F 81 -28.70 -5.40 18.34
N GLY F 82 -29.18 -6.27 17.46
CA GLY F 82 -29.96 -7.45 17.78
C GLY F 82 -29.37 -8.78 17.33
N CYS F 83 -30.04 -9.86 17.72
CA CYS F 83 -29.61 -11.23 17.46
C CYS F 83 -30.19 -11.79 16.19
N ILE F 84 -29.36 -12.46 15.37
CA ILE F 84 -29.77 -13.13 14.13
C ILE F 84 -30.54 -14.42 14.46
N ASN F 85 -31.68 -14.65 13.75
CA ASN F 85 -32.56 -15.80 13.97
C ASN F 85 -32.13 -17.03 13.15
N ALA F 86 -33.09 -17.99 12.96
CA ALA F 86 -32.95 -19.26 12.23
C ALA F 86 -33.03 -19.13 10.69
N GLN F 87 -33.70 -18.08 10.20
CA GLN F 87 -33.87 -17.78 8.78
C GLN F 87 -32.67 -16.96 8.20
N GLY F 88 -31.85 -16.40 9.10
CA GLY F 88 -30.65 -15.62 8.75
C GLY F 88 -30.79 -14.11 8.83
N LYS F 89 -31.96 -13.59 9.24
CA LYS F 89 -32.24 -12.16 9.37
C LYS F 89 -32.11 -11.70 10.83
N GLU F 90 -32.04 -10.37 11.09
CA GLU F 90 -31.90 -9.84 12.46
C GLU F 90 -33.21 -9.78 13.23
N ASP F 91 -33.15 -10.06 14.54
CA ASP F 91 -34.29 -9.98 15.45
C ASP F 91 -33.95 -8.90 16.46
N ILE F 92 -34.78 -7.85 16.48
CA ILE F 92 -34.61 -6.67 17.33
C ILE F 92 -35.19 -6.85 18.73
N SER F 93 -36.09 -7.86 18.91
CA SER F 93 -36.73 -8.20 20.19
C SER F 93 -35.73 -8.94 21.14
N MET F 94 -34.52 -9.17 20.64
CA MET F 94 -33.38 -9.76 21.33
C MET F 94 -32.20 -8.83 21.10
N ASN F 95 -31.36 -8.66 22.13
CA ASN F 95 -30.20 -7.77 22.02
C ASN F 95 -28.89 -8.52 22.07
N SER F 96 -27.92 -8.09 21.22
CA SER F 96 -26.55 -8.59 21.09
C SER F 96 -25.69 -7.77 22.03
N VAL F 97 -25.18 -8.43 23.07
CA VAL F 97 -24.36 -7.76 24.08
C VAL F 97 -22.92 -8.24 24.08
N PRO F 98 -21.96 -7.30 24.26
CA PRO F 98 -20.54 -7.71 24.35
C PRO F 98 -20.26 -8.31 25.72
N ILE F 99 -19.40 -9.33 25.77
CA ILE F 99 -19.04 -9.96 27.03
C ILE F 99 -17.57 -9.66 27.27
N GLN F 100 -17.29 -8.93 28.35
CA GLN F 100 -15.94 -8.43 28.59
C GLN F 100 -15.18 -9.14 29.68
N GLN F 101 -13.85 -9.26 29.50
CA GLN F 101 -12.88 -9.85 30.42
C GLN F 101 -11.83 -8.78 30.71
N GLU F 102 -11.73 -8.36 31.97
CA GLU F 102 -10.72 -7.40 32.42
C GLU F 102 -9.43 -8.19 32.66
N THR F 103 -8.34 -7.83 31.94
CA THR F 103 -7.05 -8.48 32.10
C THR F 103 -6.00 -7.45 32.47
N LEU F 104 -4.81 -7.91 32.72
CA LEU F 104 -3.67 -7.07 33.03
C LEU F 104 -2.75 -6.90 31.81
N VAL F 105 -2.19 -5.73 31.69
CA VAL F 105 -1.16 -5.45 30.70
C VAL F 105 -0.05 -4.72 31.42
N VAL F 106 1.15 -4.77 30.86
CA VAL F 106 2.27 -3.99 31.39
C VAL F 106 2.43 -2.72 30.51
N ARG F 107 2.64 -1.56 31.12
CA ARG F 107 2.78 -0.32 30.38
C ARG F 107 4.18 0.28 30.56
N ARG F 108 4.89 0.44 29.44
CA ARG F 108 6.19 1.09 29.39
C ARG F 108 5.91 2.58 29.17
N LYS F 109 6.58 3.45 29.93
CA LYS F 109 6.45 4.90 29.82
C LYS F 109 7.85 5.52 29.74
N HIS F 110 7.99 6.69 29.11
CA HIS F 110 9.28 7.37 29.03
C HIS F 110 9.17 8.83 29.27
N GLN F 111 10.14 9.35 30.00
CA GLN F 111 10.32 10.75 30.33
C GLN F 111 11.40 11.27 29.38
N GLY F 112 12.23 10.34 28.93
CA GLY F 112 13.33 10.54 27.99
C GLY F 112 14.03 9.20 27.79
N CYS F 113 15.32 9.14 28.20
CA CYS F 113 16.17 7.94 28.16
C CYS F 113 15.62 6.94 29.19
N SER F 114 15.08 7.49 30.31
CA SER F 114 14.46 6.83 31.46
C SER F 114 13.16 6.13 31.08
N VAL F 115 13.03 4.84 31.49
CA VAL F 115 11.88 3.95 31.22
C VAL F 115 11.28 3.42 32.53
N SER F 116 9.95 3.62 32.70
CA SER F 116 9.17 3.20 33.87
C SER F 116 8.22 2.09 33.48
N PHE F 117 7.81 1.28 34.46
CA PHE F 117 6.86 0.21 34.23
C PHE F 117 5.74 0.21 35.22
N GLN F 118 4.53 -0.01 34.70
CA GLN F 118 3.27 0.02 35.43
C GLN F 118 2.40 -1.15 34.98
N LEU F 119 1.45 -1.58 35.82
CA LEU F 119 0.46 -2.60 35.45
C LEU F 119 -0.85 -1.87 35.19
N GLU F 120 -1.49 -2.17 34.06
CA GLU F 120 -2.78 -1.56 33.75
C GLU F 120 -3.81 -2.66 33.68
N LYS F 121 -5.08 -2.31 33.94
CA LYS F 121 -6.18 -3.23 33.83
C LYS F 121 -6.87 -2.89 32.51
N VAL F 122 -6.87 -3.80 31.58
CA VAL F 122 -7.53 -3.56 30.30
C VAL F 122 -8.74 -4.42 30.15
N LEU F 123 -9.87 -3.77 29.90
CA LEU F 123 -11.10 -4.49 29.68
C LEU F 123 -11.13 -4.86 28.21
N VAL F 124 -11.20 -6.18 27.97
CA VAL F 124 -11.19 -6.78 26.65
C VAL F 124 -12.55 -7.37 26.31
N THR F 125 -13.09 -7.05 25.13
CA THR F 125 -14.35 -7.63 24.68
C THR F 125 -14.00 -8.96 24.01
N VAL F 126 -14.38 -10.06 24.64
CA VAL F 126 -14.01 -11.37 24.15
C VAL F 126 -14.99 -11.94 23.08
N GLY F 127 -16.19 -11.38 22.99
CA GLY F 127 -17.22 -11.80 22.04
C GLY F 127 -18.61 -11.35 22.43
N CYS F 128 -19.62 -11.80 21.66
CA CYS F 128 -21.01 -11.40 21.88
C CYS F 128 -21.92 -12.56 22.26
N THR F 129 -22.82 -12.34 23.26
CA THR F 129 -23.84 -13.33 23.60
C THR F 129 -25.22 -12.77 23.37
N CYS F 130 -26.22 -13.65 23.25
CA CYS F 130 -27.55 -13.11 23.04
C CYS F 130 -28.43 -13.17 24.30
N VAL F 131 -28.89 -12.00 24.75
CA VAL F 131 -29.71 -11.85 25.95
C VAL F 131 -31.09 -11.32 25.64
N THR F 132 -32.05 -11.79 26.40
CA THR F 132 -33.42 -11.31 26.37
C THR F 132 -33.38 -9.95 27.11
N PRO F 133 -34.08 -8.91 26.63
CA PRO F 133 -34.05 -7.61 27.36
C PRO F 133 -34.69 -7.66 28.76
N VAL F 134 -34.72 -6.53 29.48
CA VAL F 134 -35.30 -6.47 30.83
C VAL F 134 -36.84 -6.26 30.78
C1 NAG G . -17.67 -6.35 10.48
C2 NAG G . -17.34 -4.91 10.07
C3 NAG G . -18.18 -4.49 8.85
C4 NAG G . -18.12 -5.53 7.74
C5 NAG G . -18.44 -6.91 8.31
C6 NAG G . -18.42 -8.04 7.30
C7 NAG G . -16.77 -3.84 12.26
C8 NAG G . -17.34 -3.01 13.37
N2 NAG G . -17.58 -4.01 11.19
O3 NAG G . -17.70 -3.24 8.37
O4 NAG G . -19.15 -5.21 6.79
O5 NAG G . -17.53 -7.24 9.38
O6 NAG G . -17.11 -8.41 6.85
O7 NAG G . -15.65 -4.34 12.32
C1 NAG G . -18.80 -4.83 5.46
C2 NAG G . -19.98 -5.20 4.54
C3 NAG G . -19.61 -4.81 3.11
C4 NAG G . -19.30 -3.31 3.02
C5 NAG G . -18.25 -2.93 4.07
C6 NAG G . -18.07 -1.43 4.21
C7 NAG G . -21.51 -7.12 4.73
C8 NAG G . -21.63 -8.54 5.22
N2 NAG G . -20.27 -6.62 4.64
O3 NAG G . -20.65 -5.15 2.19
O4 NAG G . -18.87 -3.00 1.70
O5 NAG G . -18.63 -3.41 5.37
O6 NAG G . -17.21 -1.11 5.30
O7 NAG G . -22.51 -6.46 4.45
C1 GAL G . -16.44 -9.44 7.54
C2 GAL G . -17.22 -10.77 7.38
C3 GAL G . -16.43 -11.92 8.00
C4 GAL G . -15.00 -11.97 7.47
C5 GAL G . -14.33 -10.61 7.64
C6 GAL G . -12.93 -10.52 7.04
O2 GAL G . -18.49 -10.70 8.02
O3 GAL G . -17.09 -13.16 7.75
O4 GAL G . -15.05 -12.31 6.08
O5 GAL G . -15.12 -9.59 7.01
O6 GAL G . -11.94 -11.17 7.83
C1 NAG H . -10.27 -44.42 14.70
C2 NAG H . -8.81 -44.63 15.14
C3 NAG H . -8.04 -43.63 14.27
C4 NAG H . -8.15 -44.01 12.80
C5 NAG H . -9.61 -44.21 12.37
C6 NAG H . -9.75 -44.96 11.06
C7 NAG H . -8.70 -45.32 17.50
C8 NAG H . -8.38 -44.88 18.91
N2 NAG H . -8.56 -44.38 16.55
O3 NAG H . -6.67 -43.58 14.68
O4 NAG H . -7.56 -42.97 12.02
O5 NAG H . -10.36 -44.93 13.36
O6 NAG H . -9.63 -46.39 11.22
O7 NAG H . -9.08 -46.46 17.26
C1 NAG I . 27.92 23.99 -9.96
C2 NAG I . 27.83 25.50 -10.15
C3 NAG I . 29.14 25.99 -10.79
C4 NAG I . 30.36 25.52 -10.00
C5 NAG I . 30.32 24.01 -9.80
C6 NAG I . 31.44 23.47 -8.94
C7 NAG I . 25.54 26.32 -10.56
C8 NAG I . 24.39 26.28 -11.52
N2 NAG I . 26.69 25.82 -11.01
O3 NAG I . 29.10 27.41 -10.84
O4 NAG I . 31.56 25.90 -10.66
O5 NAG I . 29.08 23.63 -9.18
O6 NAG I . 31.44 22.04 -8.90
O7 NAG I . 25.42 26.76 -9.42
C1 NAG J . 2.40 45.01 -16.78
C2 NAG J . 3.75 45.21 -16.08
C3 NAG J . 3.65 44.12 -15.00
C4 NAG J . 2.56 44.46 -13.99
C5 NAG J . 1.22 44.71 -14.69
C6 NAG J . 0.20 45.43 -13.83
C7 NAG J . 5.46 45.99 -17.66
C8 NAG J . 6.68 45.61 -18.44
N2 NAG J . 4.90 45.00 -16.94
O3 NAG J . 4.91 43.97 -14.35
O4 NAG J . 2.43 43.36 -13.10
O5 NAG J . 1.40 45.50 -15.88
O6 NAG J . 0.34 46.84 -13.90
O7 NAG J . 5.00 47.13 -17.70
C1 NAG K . -12.24 53.25 -29.21
C2 NAG K . -11.11 54.12 -29.75
C3 NAG K . -11.21 55.40 -28.91
C4 NAG K . -12.57 56.07 -29.11
C5 NAG K . -13.71 55.11 -28.77
C6 NAG K . -15.08 55.63 -29.16
C7 NAG K . -8.87 53.61 -30.66
C8 NAG K . -7.54 52.97 -30.38
N2 NAG K . -9.78 53.55 -29.66
O3 NAG K . -10.15 56.30 -29.25
O4 NAG K . -12.67 57.23 -28.28
O5 NAG K . -13.52 53.85 -29.44
O6 NAG K . -15.20 55.87 -30.56
O7 NAG K . -9.11 54.15 -31.73
C1 NAG L . -4.00 6.33 -19.93
C2 NAG L . -4.02 4.90 -19.38
C3 NAG L . -5.44 4.46 -18.99
C4 NAG L . -6.15 5.53 -18.16
C5 NAG L . -6.07 6.89 -18.87
C6 NAG L . -6.73 8.04 -18.11
C7 NAG L . -2.10 3.84 -20.57
C8 NAG L . -1.71 3.04 -21.78
N2 NAG L . -3.43 3.99 -20.36
O3 NAG L . -5.37 3.25 -18.24
O4 NAG L . -7.51 5.15 -17.94
O5 NAG L . -4.69 7.24 -19.08
O6 NAG L . -6.06 8.42 -16.92
O7 NAG L . -1.24 4.35 -19.83
#